data_6HMY
#
_entry.id   6HMY
#
_cell.length_a   148.626
_cell.length_b   74.137
_cell.length_c   111.245
_cell.angle_alpha   90.00
_cell.angle_beta   105.59
_cell.angle_gamma   90.00
#
_symmetry.space_group_name_H-M   'C 1 2 1'
#
loop_
_entity.id
_entity.type
_entity.pdbx_description
1 polymer 'Cholera enterotoxin B-subunit'
2 branched 'alpha-L-fucopyranose-(1-2)-beta-D-galactopyranose-(1-3)-2-acetamido-2-deoxy-beta-D-galactopyranose-(1-4)-[N-acetyl-alpha-neuraminic acid-(2-3)]beta-D-galactopyranose-(1-4)-beta-D-glucopyranose'
3 branched 'alpha-L-fucopyranose-(1-2)-beta-D-galactopyranose-(1-3)-2-acetamido-2-deoxy-beta-D-galactopyranose-(1-4)-[N-acetyl-alpha-neuraminic acid-(2-3)]beta-D-galactopyranose-(1-4)-beta-D-glucopyranose'
4 branched 'alpha-L-fucopyranose-(1-2)-beta-D-galactopyranose-(1-3)-2-acetamido-2-deoxy-beta-D-galactopyranose-(1-4)-[N-acetyl-alpha-neuraminic acid-(2-3)]beta-D-galactopyranose-(1-4)-alpha-D-glucopyranose'
5 non-polymer 'CALCIUM ION'
6 non-polymer BICINE
7 non-polymer alpha-L-fucopyranose
8 water water
#
_entity_poly.entity_id   1
_entity_poly.type   'polypeptide(L)'
_entity_poly.pdbx_seq_one_letter_code
;TPQNITDLCAEYHNTQIHTLNDKIFSYTESLAGKREMAIITFKNGATFQVEVPGSQHIDSQKKAIERMKDTLRIAYLTEA
KVEKLCVWNNKTPHAIAAISMAN
;
_entity_poly.pdbx_strand_id   A,B,C,D,E,F,G,H,I,J
#
# COMPACT_ATOMS: atom_id res chain seq x y z
N THR A 1 32.21 -19.55 -4.14
CA THR A 1 30.86 -19.08 -3.60
C THR A 1 29.85 -19.09 -4.73
N PRO A 2 28.64 -19.66 -4.57
CA PRO A 2 27.73 -19.74 -5.70
C PRO A 2 27.09 -18.40 -6.09
N GLN A 3 26.61 -18.30 -7.34
CA GLN A 3 25.99 -17.06 -7.84
C GLN A 3 24.47 -17.15 -7.91
N ASN A 4 23.91 -18.35 -7.68
CA ASN A 4 22.46 -18.54 -7.77
C ASN A 4 22.09 -19.75 -6.87
N ILE A 5 20.81 -19.85 -6.58
CA ILE A 5 20.30 -20.90 -5.70
C ILE A 5 20.54 -22.32 -6.25
N THR A 6 20.43 -22.49 -7.55
CA THR A 6 20.63 -23.79 -8.14
C THR A 6 22.08 -24.25 -7.93
N ASP A 7 23.04 -23.35 -8.12
CA ASP A 7 24.41 -23.74 -7.88
C ASP A 7 24.70 -23.93 -6.38
N LEU A 8 24.02 -23.17 -5.52
CA LEU A 8 24.14 -23.32 -4.09
C LEU A 8 23.64 -24.71 -3.70
N CYS A 9 22.48 -25.11 -4.23
N CYS A 9 22.46 -25.10 -4.23
CA CYS A 9 21.87 -26.40 -3.85
CA CYS A 9 21.85 -26.44 -3.94
C CYS A 9 22.80 -27.57 -4.24
C CYS A 9 22.83 -27.57 -4.23
N ALA A 10 23.57 -27.43 -5.33
CA ALA A 10 24.45 -28.47 -5.83
C ALA A 10 25.71 -28.62 -4.95
N GLU A 11 25.96 -27.72 -4.00
CA GLU A 11 27.06 -27.83 -3.03
CA GLU A 11 27.07 -27.84 -3.04
C GLU A 11 26.68 -28.68 -1.80
N TYR A 12 25.48 -29.31 -1.82
CA TYR A 12 25.01 -30.10 -0.66
C TYR A 12 24.50 -31.46 -1.12
N HIS A 13 24.61 -32.44 -0.23
CA HIS A 13 24.02 -33.74 -0.50
C HIS A 13 22.54 -33.70 -0.09
N ASN A 14 21.73 -34.50 -0.79
CA ASN A 14 20.36 -34.79 -0.39
C ASN A 14 19.49 -33.51 -0.50
N THR A 15 19.76 -32.67 -1.50
CA THR A 15 18.99 -31.46 -1.68
C THR A 15 18.36 -31.48 -3.06
N GLN A 16 17.33 -30.64 -3.23
CA GLN A 16 16.63 -30.55 -4.48
C GLN A 16 16.14 -29.12 -4.67
N ILE A 17 16.04 -28.67 -5.92
CA ILE A 17 15.37 -27.42 -6.29
C ILE A 17 13.91 -27.71 -6.67
N HIS A 18 12.98 -27.01 -6.02
CA HIS A 18 11.61 -26.89 -6.48
C HIS A 18 11.39 -25.51 -7.11
N THR A 19 10.85 -25.48 -8.31
CA THR A 19 10.51 -24.25 -8.99
C THR A 19 9.00 -24.05 -8.80
N LEU A 20 8.61 -23.06 -8.00
CA LEU A 20 7.21 -22.78 -7.70
C LEU A 20 6.67 -21.65 -8.59
N ASN A 21 7.41 -20.57 -8.76
CA ASN A 21 6.93 -19.38 -9.52
C ASN A 21 5.50 -19.05 -9.03
N ASP A 22 5.33 -18.96 -7.72
CA ASP A 22 4.04 -18.64 -7.17
C ASP A 22 4.19 -18.11 -5.73
N LYS A 23 3.17 -17.37 -5.31
CA LYS A 23 3.14 -16.87 -3.96
CA LYS A 23 3.08 -16.84 -3.94
C LYS A 23 2.82 -17.99 -2.96
N ILE A 24 3.14 -17.76 -1.69
CA ILE A 24 2.87 -18.74 -0.66
C ILE A 24 1.34 -18.76 -0.43
N PHE A 25 0.74 -19.97 -0.38
CA PHE A 25 -0.64 -20.10 -0.14
C PHE A 25 -1.00 -20.08 1.36
N SER A 26 -0.23 -20.72 2.22
CA SER A 26 -0.50 -20.66 3.69
C SER A 26 0.83 -20.59 4.45
N TYR A 27 0.77 -19.93 5.61
CA TYR A 27 1.87 -19.79 6.51
C TYR A 27 1.42 -20.21 7.89
N THR A 28 2.16 -21.16 8.51
CA THR A 28 1.84 -21.67 9.80
C THR A 28 3.11 -21.57 10.68
N GLU A 29 2.94 -21.14 11.92
CA GLU A 29 4.05 -21.04 12.82
C GLU A 29 3.63 -21.54 14.21
N SER A 30 4.57 -22.19 14.93
CA SER A 30 4.33 -22.80 16.23
C SER A 30 5.36 -22.38 17.26
N LEU A 31 4.91 -22.16 18.50
CA LEU A 31 5.80 -21.96 19.65
C LEU A 31 5.69 -23.16 20.61
N ALA A 32 4.94 -24.20 20.23
CA ALA A 32 4.87 -25.43 21.07
C ALA A 32 6.27 -26.09 21.19
N GLY A 33 6.56 -26.49 22.44
CA GLY A 33 7.86 -27.00 22.80
C GLY A 33 8.13 -28.26 21.99
N LYS A 34 9.34 -28.31 21.43
CA LYS A 34 9.90 -29.35 20.54
C LYS A 34 9.34 -29.23 19.12
N ARG A 35 8.50 -28.21 18.87
CA ARG A 35 7.89 -27.98 17.61
C ARG A 35 7.89 -26.48 17.31
N GLU A 36 9.02 -25.84 17.60
CA GLU A 36 9.22 -24.42 17.24
C GLU A 36 9.67 -24.34 15.77
N MET A 37 8.71 -24.24 14.85
CA MET A 37 8.94 -24.47 13.45
C MET A 37 7.95 -23.61 12.65
N ALA A 38 8.20 -23.53 11.35
CA ALA A 38 7.22 -22.92 10.44
C ALA A 38 6.94 -23.94 9.32
N ILE A 39 5.72 -23.89 8.76
CA ILE A 39 5.36 -24.68 7.64
C ILE A 39 4.68 -23.78 6.59
N ILE A 40 5.10 -23.87 5.34
CA ILE A 40 4.39 -23.16 4.31
C ILE A 40 3.81 -24.13 3.30
N THR A 41 2.76 -23.69 2.59
CA THR A 41 2.24 -24.46 1.51
C THR A 41 2.04 -23.57 0.30
N PHE A 42 1.91 -24.22 -0.85
CA PHE A 42 1.59 -23.55 -2.12
C PHE A 42 0.29 -24.15 -2.63
N LYS A 43 -0.38 -23.50 -3.60
CA LYS A 43 -1.75 -23.93 -3.88
CA LYS A 43 -1.72 -23.86 -4.03
C LYS A 43 -1.70 -25.25 -4.66
N ASN A 44 -0.55 -25.62 -5.21
CA ASN A 44 -0.40 -26.94 -5.88
C ASN A 44 -0.34 -28.08 -4.85
N GLY A 45 -0.34 -27.78 -3.55
CA GLY A 45 -0.27 -28.81 -2.52
C GLY A 45 1.13 -29.00 -1.92
N ALA A 46 2.18 -28.40 -2.49
CA ALA A 46 3.52 -28.58 -2.00
C ALA A 46 3.66 -27.94 -0.60
N THR A 47 4.22 -28.70 0.33
CA THR A 47 4.34 -28.32 1.74
C THR A 47 5.82 -28.37 2.13
N PHE A 48 6.32 -27.36 2.85
CA PHE A 48 7.70 -27.27 3.24
C PHE A 48 7.79 -26.80 4.70
N GLN A 49 8.87 -27.18 5.41
CA GLN A 49 9.10 -26.73 6.73
C GLN A 49 10.41 -25.91 6.82
N VAL A 50 10.49 -25.06 7.85
CA VAL A 50 11.78 -24.68 8.44
C VAL A 50 11.96 -25.53 9.70
N GLU A 51 13.05 -26.32 9.75
CA GLU A 51 13.24 -27.32 10.80
C GLU A 51 13.33 -26.62 12.15
N VAL A 52 12.82 -27.34 13.14
CA VAL A 52 13.19 -27.06 14.54
C VAL A 52 14.73 -27.02 14.65
N PRO A 53 15.35 -25.98 15.26
CA PRO A 53 16.80 -25.98 15.46
C PRO A 53 17.21 -27.21 16.27
N GLY A 54 18.30 -27.86 15.85
CA GLY A 54 18.74 -29.06 16.57
C GLY A 54 20.17 -29.38 16.27
N SER A 55 20.54 -30.63 16.58
CA SER A 55 21.95 -30.97 16.61
CA SER A 55 21.92 -31.09 16.60
C SER A 55 22.53 -31.10 15.19
N GLN A 56 21.67 -31.15 14.17
CA GLN A 56 22.08 -31.18 12.77
C GLN A 56 22.60 -29.80 12.32
N HIS A 57 22.25 -28.75 13.05
CA HIS A 57 22.63 -27.35 12.68
C HIS A 57 23.90 -26.94 13.41
N ILE A 58 24.77 -26.19 12.74
CA ILE A 58 25.97 -25.63 13.33
C ILE A 58 25.61 -24.23 13.82
N ASP A 59 26.48 -23.63 14.64
N ASP A 59 26.47 -23.65 14.66
CA ASP A 59 26.11 -22.40 15.37
CA ASP A 59 26.11 -22.39 15.36
C ASP A 59 25.86 -21.19 14.44
C ASP A 59 25.75 -21.27 14.37
N SER A 60 26.54 -21.16 13.30
CA SER A 60 26.33 -20.13 12.26
C SER A 60 24.94 -20.21 11.63
N GLN A 61 24.22 -21.34 11.72
CA GLN A 61 22.90 -21.47 11.16
C GLN A 61 21.78 -20.91 12.06
N LYS A 62 22.03 -20.66 13.35
CA LYS A 62 21.01 -20.28 14.36
CA LYS A 62 20.92 -20.39 14.26
C LYS A 62 20.26 -19.03 13.88
N LYS A 63 21.07 -18.01 13.59
CA LYS A 63 20.55 -16.73 13.12
C LYS A 63 19.83 -16.87 11.77
N ALA A 64 20.38 -17.69 10.87
CA ALA A 64 19.86 -17.86 9.55
C ALA A 64 18.49 -18.54 9.57
N ILE A 65 18.29 -19.51 10.50
CA ILE A 65 16.99 -20.17 10.63
C ILE A 65 15.93 -19.14 11.03
N GLU A 66 16.28 -18.26 11.96
CA GLU A 66 15.35 -17.20 12.43
C GLU A 66 15.05 -16.22 11.29
N ARG A 67 16.09 -15.83 10.53
CA ARG A 67 15.91 -14.98 9.37
C ARG A 67 14.97 -15.62 8.34
N MET A 68 15.12 -16.91 8.04
CA MET A 68 14.29 -17.58 7.04
C MET A 68 12.80 -17.57 7.45
N LYS A 69 12.50 -17.79 8.74
CA LYS A 69 11.12 -17.70 9.18
C LYS A 69 10.59 -16.28 9.02
N ASP A 70 11.45 -15.29 9.27
CA ASP A 70 11.06 -13.86 9.10
C ASP A 70 10.75 -13.62 7.61
N THR A 71 11.61 -14.16 6.77
CA THR A 71 11.49 -14.00 5.27
C THR A 71 10.18 -14.63 4.76
N LEU A 72 9.90 -15.84 5.20
CA LEU A 72 8.68 -16.49 4.71
C LEU A 72 7.41 -15.77 5.22
N ARG A 73 7.43 -15.24 6.45
CA ARG A 73 6.26 -14.50 6.99
C ARG A 73 6.00 -13.25 6.13
N ILE A 74 7.05 -12.46 5.80
CA ILE A 74 6.78 -11.23 5.08
CA ILE A 74 6.84 -11.23 5.06
C ILE A 74 6.54 -11.55 3.59
N ALA A 75 7.15 -12.62 3.06
CA ALA A 75 6.85 -13.01 1.68
C ALA A 75 5.37 -13.35 1.60
N TYR A 76 4.87 -14.12 2.60
CA TYR A 76 3.47 -14.51 2.57
C TYR A 76 2.55 -13.27 2.63
N LEU A 77 2.84 -12.33 3.53
CA LEU A 77 1.94 -11.18 3.74
C LEU A 77 2.04 -10.13 2.61
N THR A 78 3.12 -10.13 1.81
CA THR A 78 3.23 -9.26 0.67
C THR A 78 2.82 -9.94 -0.64
N GLU A 79 2.48 -11.22 -0.57
CA GLU A 79 2.11 -12.02 -1.76
C GLU A 79 3.30 -12.03 -2.77
N ALA A 80 4.51 -12.04 -2.21
CA ALA A 80 5.70 -12.11 -3.06
C ALA A 80 5.83 -13.46 -3.75
N LYS A 81 6.04 -13.41 -5.05
CA LYS A 81 6.31 -14.61 -5.86
C LYS A 81 7.64 -15.28 -5.45
N VAL A 82 7.53 -16.55 -5.05
CA VAL A 82 8.66 -17.39 -4.78
C VAL A 82 9.07 -18.06 -6.10
N GLU A 83 10.32 -17.89 -6.49
CA GLU A 83 10.83 -18.48 -7.75
CA GLU A 83 10.83 -18.47 -7.73
C GLU A 83 11.16 -19.95 -7.46
N LYS A 84 12.17 -20.17 -6.60
CA LYS A 84 12.67 -21.51 -6.26
C LYS A 84 12.87 -21.67 -4.76
N LEU A 85 12.79 -22.94 -4.32
CA LEU A 85 13.26 -23.32 -3.00
C LEU A 85 14.33 -24.40 -3.19
N CYS A 86 15.41 -24.31 -2.43
CA CYS A 86 16.34 -25.44 -2.23
C CYS A 86 15.94 -26.14 -0.94
N VAL A 87 15.73 -27.44 -0.97
CA VAL A 87 15.24 -28.17 0.19
C VAL A 87 16.06 -29.44 0.40
N TRP A 88 16.07 -29.89 1.65
CA TRP A 88 16.48 -31.27 2.01
C TRP A 88 15.28 -32.19 1.81
N ASN A 89 15.38 -33.09 0.81
CA ASN A 89 14.18 -33.78 0.30
C ASN A 89 14.01 -35.07 1.04
N ASN A 90 14.94 -35.42 1.95
CA ASN A 90 14.81 -36.61 2.77
C ASN A 90 14.07 -36.36 4.09
N LYS A 91 13.82 -35.11 4.44
CA LYS A 91 12.98 -34.73 5.57
C LYS A 91 11.51 -34.62 5.12
N THR A 92 10.58 -34.84 6.06
CA THR A 92 9.14 -34.71 5.74
C THR A 92 8.42 -33.82 6.77
N PRO A 93 7.83 -32.69 6.35
CA PRO A 93 7.94 -32.10 5.04
C PRO A 93 9.37 -31.78 4.61
N HIS A 94 9.56 -31.56 3.32
CA HIS A 94 10.88 -31.17 2.83
C HIS A 94 11.33 -29.91 3.56
N ALA A 95 12.63 -29.85 3.92
CA ALA A 95 13.15 -28.81 4.79
C ALA A 95 13.87 -27.76 3.94
N ILE A 96 13.50 -26.49 4.15
CA ILE A 96 14.03 -25.38 3.37
C ILE A 96 15.46 -25.04 3.80
N ALA A 97 16.34 -24.94 2.80
CA ALA A 97 17.71 -24.56 2.89
C ALA A 97 17.88 -23.18 2.30
N ALA A 98 17.18 -22.88 1.24
CA ALA A 98 17.36 -21.51 0.64
C ALA A 98 16.11 -21.15 -0.15
N ILE A 99 15.92 -19.84 -0.38
CA ILE A 99 14.78 -19.35 -1.12
C ILE A 99 15.22 -18.31 -2.11
N SER A 100 14.59 -18.26 -3.28
CA SER A 100 14.79 -17.18 -4.20
C SER A 100 13.43 -16.58 -4.55
N MET A 101 13.41 -15.24 -4.63
CA MET A 101 12.23 -14.43 -5.05
C MET A 101 12.61 -13.58 -6.26
N ALA A 102 11.73 -13.55 -7.24
CA ALA A 102 11.88 -12.78 -8.43
C ALA A 102 10.51 -12.65 -9.10
N ASN A 103 10.23 -11.51 -9.73
CA ASN A 103 8.91 -11.35 -10.37
C ASN A 103 8.99 -10.19 -11.37
N THR B 1 35.10 11.13 8.75
CA THR B 1 33.89 10.31 8.44
C THR B 1 33.37 10.78 7.09
N PRO B 2 33.05 9.86 6.17
CA PRO B 2 32.57 10.26 4.85
C PRO B 2 31.14 10.83 4.84
N GLN B 3 30.77 11.53 3.76
CA GLN B 3 29.45 12.16 3.66
C GLN B 3 28.58 11.46 2.64
N ASN B 4 29.17 10.52 1.89
CA ASN B 4 28.46 9.79 0.89
C ASN B 4 29.18 8.46 0.59
N ILE B 5 28.52 7.61 -0.18
CA ILE B 5 28.97 6.21 -0.39
C ILE B 5 30.26 6.16 -1.22
N THR B 6 30.43 7.13 -2.13
CA THR B 6 31.58 7.12 -3.00
C THR B 6 32.84 7.46 -2.18
N ASP B 7 32.67 8.38 -1.24
CA ASP B 7 33.79 8.77 -0.40
C ASP B 7 34.11 7.66 0.62
N LEU B 8 33.07 6.98 1.11
CA LEU B 8 33.28 5.84 1.99
CA LEU B 8 33.22 5.81 1.98
C LEU B 8 34.04 4.72 1.26
N CYS B 9 33.65 4.45 0.02
N CYS B 9 33.63 4.40 0.02
CA CYS B 9 34.26 3.36 -0.74
CA CYS B 9 34.27 3.39 -0.83
C CYS B 9 35.75 3.63 -0.98
C CYS B 9 35.77 3.63 -0.91
N ALA B 10 36.13 4.91 -1.12
CA ALA B 10 37.50 5.31 -1.30
C ALA B 10 38.35 5.16 -0.03
N GLU B 11 37.75 4.86 1.14
CA GLU B 11 38.49 4.60 2.38
C GLU B 11 39.03 3.16 2.50
N TYR B 12 38.76 2.32 1.48
CA TYR B 12 39.03 0.90 1.51
C TYR B 12 39.79 0.51 0.24
N HIS B 13 40.70 -0.46 0.35
CA HIS B 13 41.36 -1.07 -0.79
C HIS B 13 40.43 -2.09 -1.41
N ASN B 14 40.54 -2.27 -2.73
CA ASN B 14 39.93 -3.38 -3.46
C ASN B 14 38.40 -3.25 -3.50
N THR B 15 37.89 -2.03 -3.46
CA THR B 15 36.47 -1.75 -3.55
C THR B 15 36.16 -0.99 -4.84
N GLN B 16 34.87 -1.00 -5.20
CA GLN B 16 34.39 -0.39 -6.43
C GLN B 16 32.94 0.09 -6.18
N ILE B 17 32.58 1.21 -6.79
CA ILE B 17 31.20 1.66 -6.81
C ILE B 17 30.54 1.12 -8.08
N HIS B 18 29.37 0.47 -7.96
CA HIS B 18 28.51 0.23 -9.08
C HIS B 18 27.30 1.18 -8.97
N THR B 19 26.96 1.83 -10.07
CA THR B 19 25.77 2.72 -10.14
C THR B 19 24.68 1.94 -10.85
N LEU B 20 23.71 1.47 -10.09
CA LEU B 20 22.64 0.60 -10.66
C LEU B 20 21.43 1.48 -11.06
N ASN B 21 21.03 2.42 -10.20
CA ASN B 21 19.78 3.24 -10.35
C ASN B 21 18.60 2.36 -10.81
N ASP B 22 18.39 1.27 -10.09
CA ASP B 22 17.36 0.27 -10.46
C ASP B 22 16.94 -0.47 -9.21
N LYS B 23 15.76 -1.11 -9.25
N LYS B 23 15.77 -1.12 -9.29
CA LYS B 23 15.36 -1.94 -8.14
CA LYS B 23 15.25 -1.98 -8.23
C LYS B 23 15.94 -3.36 -8.31
C LYS B 23 15.87 -3.39 -8.33
N ILE B 24 16.00 -4.04 -7.17
CA ILE B 24 16.55 -5.36 -7.14
C ILE B 24 15.62 -6.28 -7.93
N PHE B 25 16.21 -7.06 -8.85
CA PHE B 25 15.47 -8.00 -9.66
C PHE B 25 15.17 -9.30 -8.91
N SER B 26 16.13 -9.81 -8.14
CA SER B 26 15.98 -11.06 -7.42
C SER B 26 16.72 -11.01 -6.09
N TYR B 27 16.14 -11.71 -5.12
CA TYR B 27 16.60 -11.80 -3.77
C TYR B 27 16.65 -13.28 -3.39
N THR B 28 17.80 -13.71 -2.93
CA THR B 28 18.00 -15.11 -2.55
C THR B 28 18.64 -15.14 -1.16
N GLU B 29 18.16 -16.04 -0.30
CA GLU B 29 18.82 -16.18 0.98
C GLU B 29 18.89 -17.64 1.38
N SER B 30 19.92 -17.96 2.16
CA SER B 30 20.26 -19.34 2.46
C SER B 30 20.59 -19.49 3.94
N LEU B 31 20.13 -20.58 4.54
CA LEU B 31 20.45 -20.97 5.93
C LEU B 31 21.37 -22.19 5.95
N ALA B 32 21.75 -22.64 4.74
CA ALA B 32 22.60 -23.86 4.60
C ALA B 32 23.98 -23.61 5.24
N GLY B 33 24.50 -24.55 6.00
CA GLY B 33 25.68 -24.34 6.83
C GLY B 33 26.88 -24.05 5.95
N LYS B 34 27.62 -23.01 6.35
CA LYS B 34 28.78 -22.46 5.65
CA LYS B 34 28.78 -22.48 5.64
C LYS B 34 28.39 -21.64 4.41
N ARG B 35 27.06 -21.48 4.16
CA ARG B 35 26.58 -20.66 3.05
C ARG B 35 25.43 -19.78 3.58
N GLU B 36 25.60 -19.27 4.81
CA GLU B 36 24.52 -18.41 5.44
C GLU B 36 24.73 -17.01 4.86
N MET B 37 24.13 -16.79 3.72
CA MET B 37 24.41 -15.61 2.92
C MET B 37 23.16 -15.15 2.17
N ALA B 38 23.28 -13.98 1.55
CA ALA B 38 22.26 -13.50 0.61
C ALA B 38 22.91 -13.16 -0.72
N ILE B 39 22.10 -13.30 -1.78
CA ILE B 39 22.56 -12.95 -3.15
C ILE B 39 21.45 -12.12 -3.77
N ILE B 40 21.80 -10.96 -4.34
CA ILE B 40 20.86 -10.19 -5.16
C ILE B 40 21.34 -10.10 -6.60
N THR B 41 20.39 -9.92 -7.51
CA THR B 41 20.69 -9.61 -8.91
C THR B 41 19.87 -8.41 -9.37
N PHE B 42 20.38 -7.73 -10.42
CA PHE B 42 19.73 -6.68 -11.13
C PHE B 42 19.38 -7.18 -12.52
N LYS B 43 18.49 -6.42 -13.19
CA LYS B 43 17.95 -7.00 -14.39
CA LYS B 43 17.90 -6.73 -14.46
C LYS B 43 18.99 -6.94 -15.53
N ASN B 44 20.06 -6.16 -15.39
CA ASN B 44 21.23 -6.09 -16.32
C ASN B 44 22.15 -7.33 -16.16
N GLY B 45 21.86 -8.22 -15.21
CA GLY B 45 22.69 -9.40 -14.95
C GLY B 45 23.64 -9.23 -13.78
N ALA B 46 23.87 -8.00 -13.27
CA ALA B 46 24.81 -7.80 -12.14
C ALA B 46 24.35 -8.61 -10.90
N THR B 47 25.27 -9.38 -10.31
CA THR B 47 24.98 -10.21 -9.16
C THR B 47 25.91 -9.83 -7.99
N PHE B 48 25.37 -9.76 -6.79
CA PHE B 48 26.13 -9.36 -5.61
C PHE B 48 25.81 -10.31 -4.45
N GLN B 49 26.74 -10.44 -3.51
CA GLN B 49 26.53 -11.26 -2.32
C GLN B 49 26.73 -10.38 -1.07
N VAL B 50 26.03 -10.72 0.02
CA VAL B 50 26.48 -10.43 1.35
C VAL B 50 27.24 -11.66 1.84
N GLU B 51 28.52 -11.49 2.13
CA GLU B 51 29.41 -12.62 2.52
C GLU B 51 28.93 -13.31 3.79
N VAL B 52 29.16 -14.61 3.82
CA VAL B 52 29.13 -15.37 5.03
C VAL B 52 30.04 -14.72 6.07
N PRO B 53 29.60 -14.54 7.34
CA PRO B 53 30.47 -13.97 8.35
C PRO B 53 31.68 -14.92 8.50
N GLY B 54 32.88 -14.34 8.56
CA GLY B 54 34.15 -15.10 8.63
C GLY B 54 35.27 -14.33 9.28
N SER B 55 36.48 -14.88 9.17
CA SER B 55 37.58 -14.35 9.94
C SER B 55 38.09 -13.03 9.31
N GLN B 56 37.65 -12.70 8.09
CA GLN B 56 37.92 -11.39 7.47
C GLN B 56 37.16 -10.29 8.21
N HIS B 57 36.14 -10.62 8.99
CA HIS B 57 35.23 -9.64 9.61
C HIS B 57 35.65 -9.36 11.05
N ILE B 58 35.61 -8.10 11.44
CA ILE B 58 35.78 -7.74 12.87
C ILE B 58 34.41 -7.77 13.59
N ASP B 59 34.44 -7.84 14.93
N ASP B 59 34.44 -7.84 14.93
CA ASP B 59 33.22 -8.08 15.69
CA ASP B 59 33.24 -8.09 15.73
C ASP B 59 32.15 -7.00 15.45
C ASP B 59 32.17 -7.00 15.54
N SER B 60 32.56 -5.73 15.30
CA SER B 60 31.57 -4.62 15.03
C SER B 60 30.87 -4.80 13.66
N GLN B 61 31.37 -5.66 12.77
CA GLN B 61 30.70 -5.90 11.51
C GLN B 61 29.57 -6.94 11.64
N LYS B 62 29.55 -7.76 12.68
CA LYS B 62 28.60 -8.86 12.73
CA LYS B 62 28.58 -8.85 12.82
C LYS B 62 27.14 -8.32 12.71
N LYS B 63 26.83 -7.30 13.52
CA LYS B 63 25.44 -6.74 13.50
C LYS B 63 25.20 -6.08 12.13
N ALA B 64 26.21 -5.39 11.58
CA ALA B 64 26.00 -4.68 10.29
C ALA B 64 25.77 -5.65 9.13
N ILE B 65 26.37 -6.85 9.18
CA ILE B 65 26.09 -7.84 8.13
C ILE B 65 24.62 -8.30 8.22
N GLU B 66 24.14 -8.58 9.42
CA GLU B 66 22.72 -8.97 9.59
C GLU B 66 21.78 -7.81 9.14
N ARG B 67 22.13 -6.58 9.47
CA ARG B 67 21.32 -5.40 9.05
C ARG B 67 21.28 -5.32 7.52
N MET B 68 22.44 -5.49 6.85
CA MET B 68 22.49 -5.39 5.38
C MET B 68 21.52 -6.42 4.75
N LYS B 69 21.51 -7.67 5.21
CA LYS B 69 20.56 -8.64 4.67
C LYS B 69 19.09 -8.22 4.95
N ASP B 70 18.81 -7.58 6.07
CA ASP B 70 17.44 -7.05 6.37
C ASP B 70 17.11 -5.91 5.39
N THR B 71 18.11 -5.09 5.07
CA THR B 71 17.91 -3.93 4.16
C THR B 71 17.62 -4.43 2.75
N LEU B 72 18.40 -5.40 2.29
CA LEU B 72 18.22 -5.92 0.91
C LEU B 72 16.85 -6.57 0.75
N ARG B 73 16.43 -7.34 1.76
CA ARG B 73 15.09 -8.00 1.71
C ARG B 73 14.02 -6.92 1.60
N ILE B 74 14.06 -5.87 2.42
CA ILE B 74 12.89 -4.93 2.45
CA ILE B 74 12.95 -4.91 2.46
C ILE B 74 12.99 -4.01 1.21
N ALA B 75 14.20 -3.74 0.74
CA ALA B 75 14.40 -2.99 -0.51
C ALA B 75 13.76 -3.78 -1.64
N TYR B 76 14.01 -5.09 -1.68
CA TYR B 76 13.47 -5.92 -2.77
C TYR B 76 11.93 -5.86 -2.71
N LEU B 77 11.38 -6.06 -1.51
CA LEU B 77 9.88 -6.18 -1.38
C LEU B 77 9.16 -4.85 -1.56
N THR B 78 9.85 -3.70 -1.43
CA THR B 78 9.23 -2.38 -1.63
CA THR B 78 9.32 -2.33 -1.59
C THR B 78 9.59 -1.84 -3.03
N GLU B 79 10.37 -2.61 -3.80
CA GLU B 79 10.79 -2.17 -5.16
C GLU B 79 11.56 -0.85 -5.04
N ALA B 80 12.32 -0.71 -3.97
CA ALA B 80 13.05 0.54 -3.78
C ALA B 80 14.22 0.61 -4.75
N LYS B 81 14.41 1.80 -5.31
N LYS B 81 14.42 1.81 -5.29
CA LYS B 81 15.51 2.07 -6.28
CA LYS B 81 15.50 1.98 -6.22
C LYS B 81 16.86 2.08 -5.54
C LYS B 81 16.84 2.01 -5.46
N VAL B 82 17.75 1.17 -5.92
CA VAL B 82 19.15 1.24 -5.46
C VAL B 82 19.92 2.20 -6.34
N GLU B 83 20.54 3.20 -5.71
CA GLU B 83 21.36 4.11 -6.40
C GLU B 83 22.75 3.46 -6.70
N LYS B 84 23.55 3.29 -5.66
CA LYS B 84 24.85 2.71 -5.78
C LYS B 84 25.04 1.55 -4.79
N LEU B 85 25.97 0.65 -5.12
CA LEU B 85 26.54 -0.29 -4.18
C LEU B 85 28.04 -0.07 -4.12
N CYS B 86 28.61 -0.08 -2.93
CA CYS B 86 30.03 -0.20 -2.75
C CYS B 86 30.34 -1.70 -2.55
N VAL B 87 31.30 -2.23 -3.30
CA VAL B 87 31.57 -3.65 -3.25
C VAL B 87 33.08 -3.95 -3.21
N TRP B 88 33.44 -5.11 -2.65
CA TRP B 88 34.78 -5.74 -2.76
C TRP B 88 34.79 -6.55 -4.05
N ASN B 89 35.57 -6.12 -5.02
CA ASN B 89 35.41 -6.57 -6.43
CA ASN B 89 35.37 -6.59 -6.40
C ASN B 89 36.30 -7.77 -6.72
N ASN B 90 37.12 -8.17 -5.75
CA ASN B 90 37.98 -9.36 -5.81
C ASN B 90 37.29 -10.61 -5.28
N LYS B 91 36.12 -10.49 -4.63
CA LYS B 91 35.24 -11.60 -4.28
C LYS B 91 34.30 -11.88 -5.47
N THR B 92 33.88 -13.13 -5.62
CA THR B 92 32.91 -13.57 -6.65
C THR B 92 31.75 -14.34 -6.01
N PRO B 93 30.50 -13.85 -6.13
CA PRO B 93 30.12 -12.55 -6.64
C PRO B 93 30.77 -11.41 -5.87
N HIS B 94 30.74 -10.20 -6.42
CA HIS B 94 31.21 -9.02 -5.72
C HIS B 94 30.44 -8.90 -4.41
N ALA B 95 31.17 -8.57 -3.34
CA ALA B 95 30.66 -8.59 -1.96
C ALA B 95 30.28 -7.17 -1.54
N ILE B 96 29.04 -7.04 -1.13
CA ILE B 96 28.51 -5.74 -0.69
C ILE B 96 29.16 -5.24 0.61
N ALA B 97 29.70 -4.00 0.50
CA ALA B 97 30.21 -3.18 1.63
C ALA B 97 29.21 -2.11 2.09
N ALA B 98 28.47 -1.52 1.14
CA ALA B 98 27.53 -0.40 1.44
C ALA B 98 26.52 -0.27 0.30
N ILE B 99 25.38 0.34 0.65
CA ILE B 99 24.31 0.58 -0.29
C ILE B 99 23.77 1.98 -0.09
N SER B 100 23.40 2.63 -1.21
CA SER B 100 22.69 3.90 -1.11
C SER B 100 21.39 3.76 -1.93
N MET B 101 20.34 4.37 -1.40
CA MET B 101 19.04 4.36 -2.01
C MET B 101 18.56 5.80 -2.11
N ALA B 102 18.03 6.16 -3.29
CA ALA B 102 17.52 7.47 -3.57
C ALA B 102 16.59 7.33 -4.80
N ASN B 103 15.49 8.07 -4.83
CA ASN B 103 14.61 8.12 -6.00
C ASN B 103 13.86 9.45 -6.05
N THR C 1 12.07 14.42 33.04
CA THR C 1 12.19 13.77 31.72
C THR C 1 11.65 14.75 30.67
N PRO C 2 12.27 14.93 29.48
CA PRO C 2 11.70 15.87 28.50
C PRO C 2 10.39 15.36 27.90
N GLN C 3 9.53 16.29 27.48
CA GLN C 3 8.22 15.97 26.86
C GLN C 3 8.28 16.09 25.33
N ASN C 4 9.39 16.58 24.79
CA ASN C 4 9.55 16.73 23.35
C ASN C 4 11.04 16.82 22.94
N ILE C 5 11.30 16.80 21.63
CA ILE C 5 12.65 16.69 21.12
C ILE C 5 13.46 17.95 21.44
N THR C 6 12.79 19.09 21.42
CA THR C 6 13.47 20.38 21.61
C THR C 6 13.98 20.47 23.06
N ASP C 7 13.16 20.06 24.00
CA ASP C 7 13.55 20.06 25.40
C ASP C 7 14.61 18.99 25.66
N LEU C 8 14.50 17.84 24.98
CA LEU C 8 15.52 16.79 25.11
C LEU C 8 16.88 17.33 24.64
N CYS C 9 16.88 18.07 23.53
N CYS C 9 16.86 18.01 23.49
CA CYS C 9 18.11 18.54 22.93
CA CYS C 9 18.03 18.63 22.87
C CYS C 9 18.81 19.58 23.81
C CYS C 9 18.79 19.47 23.89
N ALA C 10 18.04 20.32 24.62
CA ALA C 10 18.54 21.26 25.60
C ALA C 10 19.20 20.61 26.82
N GLU C 11 19.11 19.29 26.98
CA GLU C 11 19.77 18.63 28.11
C GLU C 11 21.21 18.20 27.80
N TYR C 12 21.71 18.54 26.60
CA TYR C 12 23.03 18.13 26.16
C TYR C 12 23.84 19.36 25.71
N HIS C 13 25.17 19.29 25.87
CA HIS C 13 26.06 20.21 25.26
C HIS C 13 26.28 19.85 23.79
N ASN C 14 26.57 20.87 23.00
CA ASN C 14 27.06 20.72 21.64
C ASN C 14 25.98 20.09 20.76
N THR C 15 24.70 20.41 21.04
CA THR C 15 23.60 19.90 20.25
C THR C 15 22.80 21.08 19.69
N GLN C 16 22.03 20.79 18.63
CA GLN C 16 21.15 21.75 17.96
C GLN C 16 20.01 20.96 17.28
N ILE C 17 18.89 21.65 17.19
CA ILE C 17 17.73 21.19 16.45
C ILE C 17 17.86 21.69 15.02
N HIS C 18 17.62 20.79 14.08
CA HIS C 18 17.39 21.10 12.65
C HIS C 18 15.92 20.82 12.37
N THR C 19 15.21 21.79 11.79
CA THR C 19 13.83 21.63 11.41
C THR C 19 13.79 21.33 9.92
N LEU C 20 13.36 20.13 9.55
CA LEU C 20 13.42 19.70 8.15
C LEU C 20 12.02 19.74 7.52
N ASN C 21 11.02 19.25 8.24
CA ASN C 21 9.64 19.10 7.73
C ASN C 21 9.69 18.58 6.28
N ASP C 22 10.35 17.44 6.09
CA ASP C 22 10.50 16.82 4.77
C ASP C 22 10.83 15.34 4.94
N LYS C 23 10.54 14.58 3.90
CA LYS C 23 11.00 13.18 3.86
C LYS C 23 12.52 13.11 3.64
N ILE C 24 13.09 11.96 3.97
CA ILE C 24 14.48 11.67 3.68
C ILE C 24 14.68 11.49 2.16
N PHE C 25 15.66 12.16 1.55
CA PHE C 25 15.92 12.00 0.12
CA PHE C 25 16.01 12.07 0.15
C PHE C 25 16.83 10.81 -0.17
N SER C 26 17.82 10.52 0.70
CA SER C 26 18.67 9.31 0.45
C SER C 26 19.07 8.69 1.77
N TYR C 27 19.20 7.35 1.74
CA TYR C 27 19.52 6.50 2.84
C TYR C 27 20.71 5.63 2.39
N THR C 28 21.79 5.74 3.13
CA THR C 28 22.99 4.95 2.87
C THR C 28 23.32 4.14 4.13
N GLU C 29 23.73 2.86 3.99
CA GLU C 29 24.23 2.14 5.10
C GLU C 29 25.44 1.28 4.68
N SER C 30 26.33 1.08 5.67
CA SER C 30 27.60 0.45 5.48
C SER C 30 27.84 -0.65 6.52
N LEU C 31 28.40 -1.78 6.05
CA LEU C 31 28.89 -2.82 6.90
C LEU C 31 30.43 -2.86 6.91
N ALA C 32 31.07 -1.97 6.15
CA ALA C 32 32.54 -1.94 6.11
C ALA C 32 33.12 -1.70 7.52
N GLY C 33 34.25 -2.33 7.85
CA GLY C 33 34.75 -2.32 9.20
C GLY C 33 35.30 -0.95 9.57
N LYS C 34 34.90 -0.47 10.74
CA LYS C 34 35.19 0.87 11.30
C LYS C 34 34.26 1.93 10.69
N ARG C 35 33.35 1.52 9.81
CA ARG C 35 32.40 2.46 9.19
C ARG C 35 31.01 1.82 9.17
N GLU C 36 30.67 1.16 10.28
CA GLU C 36 29.38 0.50 10.44
C GLU C 36 28.39 1.60 10.89
N MET C 37 27.84 2.28 9.91
CA MET C 37 27.09 3.57 10.10
C MET C 37 25.98 3.68 9.05
N ALA C 38 25.13 4.70 9.25
CA ALA C 38 24.16 5.13 8.26
C ALA C 38 24.36 6.62 8.03
N ILE C 39 24.06 7.03 6.81
CA ILE C 39 24.03 8.45 6.43
C ILE C 39 22.69 8.73 5.76
N ILE C 40 22.04 9.84 6.09
CA ILE C 40 20.86 10.30 5.37
C ILE C 40 21.10 11.72 4.87
N THR C 41 20.44 12.04 3.76
CA THR C 41 20.40 13.39 3.22
C THR C 41 18.96 13.80 2.97
N PHE C 42 18.76 15.12 2.93
CA PHE C 42 17.52 15.74 2.53
C PHE C 42 17.79 16.48 1.22
N LYS C 43 16.70 16.84 0.53
N LYS C 43 16.74 16.85 0.50
CA LYS C 43 16.77 17.43 -0.81
CA LYS C 43 16.89 17.38 -0.84
C LYS C 43 17.61 18.70 -0.77
C LYS C 43 17.41 18.81 -0.83
N ASN C 44 17.52 19.44 0.35
CA ASN C 44 18.16 20.73 0.51
C ASN C 44 19.70 20.57 0.65
N GLY C 45 20.21 19.34 0.66
CA GLY C 45 21.62 19.02 0.80
C GLY C 45 22.03 18.67 2.22
N ALA C 46 21.15 18.78 3.22
CA ALA C 46 21.58 18.55 4.56
C ALA C 46 21.88 17.05 4.72
N THR C 47 22.98 16.76 5.41
CA THR C 47 23.52 15.41 5.52
C THR C 47 23.76 15.11 7.00
N PHE C 48 23.36 13.93 7.43
CA PHE C 48 23.46 13.49 8.81
C PHE C 48 23.95 12.05 8.90
N GLN C 49 24.61 11.71 10.01
CA GLN C 49 25.03 10.33 10.26
C GLN C 49 24.47 9.82 11.58
N VAL C 50 24.33 8.48 11.63
CA VAL C 50 24.31 7.79 12.87
C VAL C 50 25.72 7.25 13.08
N GLU C 51 26.35 7.66 14.20
CA GLU C 51 27.79 7.45 14.36
C GLU C 51 28.07 5.94 14.52
N VAL C 52 29.26 5.56 14.08
CA VAL C 52 29.80 4.26 14.40
C VAL C 52 29.79 4.10 15.94
N PRO C 53 29.34 2.96 16.52
CA PRO C 53 29.43 2.73 17.97
C PRO C 53 30.88 2.79 18.47
N GLY C 54 31.11 3.50 19.56
CA GLY C 54 32.45 3.71 20.08
C GLY C 54 32.47 4.09 21.55
N SER C 55 33.66 4.52 22.00
CA SER C 55 33.94 4.77 23.39
C SER C 55 33.13 5.98 23.90
N GLN C 56 32.63 6.80 22.98
CA GLN C 56 31.76 7.94 23.31
C GLN C 56 30.40 7.45 23.84
N HIS C 57 30.02 6.21 23.49
CA HIS C 57 28.75 5.65 23.81
C HIS C 57 28.78 4.79 25.08
N ILE C 58 27.77 4.96 25.92
CA ILE C 58 27.56 4.11 27.07
C ILE C 58 26.75 2.89 26.65
N ASP C 59 26.79 1.85 27.49
N ASP C 59 26.78 1.82 27.46
CA ASP C 59 26.19 0.55 27.20
CA ASP C 59 26.18 0.55 27.02
C ASP C 59 24.70 0.69 26.81
C ASP C 59 24.66 0.69 26.76
N SER C 60 23.96 1.52 27.55
CA SER C 60 22.50 1.75 27.29
C SER C 60 22.23 2.31 25.89
N GLN C 61 23.19 2.95 25.25
CA GLN C 61 23.03 3.50 23.90
C GLN C 61 23.16 2.46 22.77
N LYS C 62 23.73 1.30 23.03
CA LYS C 62 24.05 0.34 21.94
CA LYS C 62 24.04 0.30 21.99
C LYS C 62 22.76 -0.09 21.24
N LYS C 63 21.71 -0.44 21.99
CA LYS C 63 20.53 -0.88 21.30
CA LYS C 63 20.40 -0.83 21.48
C LYS C 63 19.82 0.33 20.67
N ALA C 64 19.96 1.53 21.25
CA ALA C 64 19.25 2.69 20.69
C ALA C 64 19.87 3.14 19.38
N ILE C 65 21.21 2.96 19.25
CA ILE C 65 21.85 3.21 17.99
C ILE C 65 21.28 2.26 16.91
N GLU C 66 21.17 0.97 17.22
CA GLU C 66 20.62 0.01 16.24
C GLU C 66 19.16 0.38 15.88
N ARG C 67 18.38 0.78 16.87
CA ARG C 67 16.99 1.16 16.69
C ARG C 67 16.89 2.39 15.76
N MET C 68 17.78 3.38 15.96
CA MET C 68 17.72 4.58 15.12
C MET C 68 18.01 4.26 13.65
N LYS C 69 18.98 3.40 13.37
CA LYS C 69 19.21 2.98 11.99
C LYS C 69 17.98 2.23 11.42
N ASP C 70 17.28 1.43 12.25
CA ASP C 70 16.03 0.79 11.78
C ASP C 70 14.98 1.88 11.44
N THR C 71 14.91 2.90 12.28
CA THR C 71 13.87 3.92 12.19
C THR C 71 14.09 4.77 10.94
N LEU C 72 15.36 5.08 10.67
CA LEU C 72 15.66 5.88 9.48
C LEU C 72 15.39 5.08 8.22
N ARG C 73 15.72 3.78 8.22
CA ARG C 73 15.44 2.97 7.02
C ARG C 73 13.93 2.91 6.75
N ILE C 74 13.10 2.63 7.76
CA ILE C 74 11.69 2.49 7.47
CA ILE C 74 11.65 2.50 7.54
C ILE C 74 11.06 3.88 7.22
N ALA C 75 11.58 4.97 7.83
CA ALA C 75 11.09 6.33 7.51
C ALA C 75 11.37 6.61 6.03
N TYR C 76 12.57 6.23 5.58
CA TYR C 76 12.96 6.48 4.17
C TYR C 76 12.01 5.73 3.24
N LEU C 77 11.71 4.46 3.55
CA LEU C 77 10.94 3.60 2.64
C LEU C 77 9.43 3.88 2.66
N THR C 78 8.96 4.57 3.70
CA THR C 78 7.56 4.99 3.81
C THR C 78 7.37 6.46 3.40
N GLU C 79 8.46 7.12 3.03
CA GLU C 79 8.46 8.54 2.73
C GLU C 79 7.83 9.31 3.91
N ALA C 80 8.12 8.92 5.17
CA ALA C 80 7.61 9.59 6.34
C ALA C 80 8.25 10.97 6.46
N LYS C 81 7.39 11.98 6.70
CA LYS C 81 7.92 13.33 6.96
C LYS C 81 8.69 13.36 8.28
N VAL C 82 9.93 13.88 8.21
CA VAL C 82 10.73 14.11 9.39
C VAL C 82 10.56 15.57 9.79
N GLU C 83 10.10 15.79 11.04
CA GLU C 83 9.85 17.15 11.59
C GLU C 83 11.20 17.74 11.99
N LYS C 84 11.79 17.19 13.04
CA LYS C 84 13.04 17.72 13.58
C LYS C 84 14.04 16.59 13.78
N LEU C 85 15.31 16.97 13.75
CA LEU C 85 16.39 16.14 14.20
C LEU C 85 17.12 16.95 15.29
N CYS C 86 17.47 16.27 16.38
CA CYS C 86 18.46 16.75 17.33
C CYS C 86 19.81 16.11 16.96
N VAL C 87 20.87 16.93 16.86
CA VAL C 87 22.15 16.43 16.44
C VAL C 87 23.26 17.01 17.33
N TRP C 88 24.34 16.24 17.45
CA TRP C 88 25.64 16.75 17.89
C TRP C 88 26.30 17.47 16.72
N ASN C 89 26.63 18.74 16.91
CA ASN C 89 27.18 19.57 15.85
C ASN C 89 28.71 19.64 15.95
N ASN C 90 29.35 18.86 16.82
CA ASN C 90 30.84 18.72 16.90
C ASN C 90 31.30 17.51 16.10
N LYS C 91 30.46 17.04 15.17
CA LYS C 91 30.80 15.89 14.33
C LYS C 91 30.45 16.30 12.89
N THR C 92 31.12 15.66 11.94
CA THR C 92 30.91 15.92 10.54
C THR C 92 30.80 14.58 9.83
N PRO C 93 29.66 14.28 9.17
CA PRO C 93 28.42 15.03 9.26
C PRO C 93 27.83 15.13 10.69
N HIS C 94 26.91 16.10 10.89
CA HIS C 94 26.19 16.21 12.18
C HIS C 94 25.63 14.83 12.57
N ALA C 95 25.77 14.47 13.85
CA ALA C 95 25.44 13.15 14.34
C ALA C 95 24.06 13.14 15.03
N ILE C 96 23.17 12.27 14.58
CA ILE C 96 21.80 12.18 15.07
C ILE C 96 21.76 11.67 16.52
N ALA C 97 21.09 12.46 17.37
CA ALA C 97 20.77 12.08 18.75
C ALA C 97 19.31 11.68 18.86
N ALA C 98 18.45 12.34 18.08
CA ALA C 98 16.99 12.08 18.22
C ALA C 98 16.28 12.58 16.99
N ILE C 99 15.12 11.95 16.72
CA ILE C 99 14.30 12.31 15.59
C ILE C 99 12.83 12.43 16.01
N SER C 100 12.11 13.38 15.41
CA SER C 100 10.68 13.51 15.55
C SER C 100 10.01 13.44 14.19
N MET C 101 8.92 12.65 14.10
CA MET C 101 8.13 12.55 12.89
C MET C 101 6.69 12.98 13.20
N ALA C 102 6.12 13.79 12.32
CA ALA C 102 4.72 14.22 12.42
C ALA C 102 4.25 14.57 11.00
N ASN C 103 3.02 14.27 10.62
CA ASN C 103 2.53 14.74 9.26
C ASN C 103 1.00 14.91 9.29
N THR D 1 -4.93 -13.98 35.27
CA THR D 1 -4.46 -13.37 34.00
C THR D 1 -5.60 -12.48 33.49
N PRO D 2 -5.32 -11.26 33.06
CA PRO D 2 -6.42 -10.42 32.58
C PRO D 2 -6.81 -10.81 31.15
N GLN D 3 -8.04 -10.45 30.75
CA GLN D 3 -8.61 -10.74 29.43
CA GLN D 3 -8.53 -10.75 29.40
C GLN D 3 -8.60 -9.52 28.51
N ASN D 4 -8.28 -8.34 29.06
CA ASN D 4 -8.31 -7.10 28.30
C ASN D 4 -7.45 -6.09 29.03
N ILE D 5 -7.20 -4.96 28.36
CA ILE D 5 -6.27 -3.97 28.85
C ILE D 5 -6.80 -3.24 30.09
N THR D 6 -8.12 -3.09 30.22
CA THR D 6 -8.68 -2.41 31.36
C THR D 6 -8.52 -3.26 32.62
N ASP D 7 -8.65 -4.56 32.47
CA ASP D 7 -8.47 -5.45 33.61
C ASP D 7 -6.98 -5.58 33.98
N LEU D 8 -6.09 -5.53 32.99
CA LEU D 8 -4.67 -5.53 33.23
C LEU D 8 -4.26 -4.28 34.04
N CYS D 9 -4.76 -3.12 33.63
N CYS D 9 -4.67 -3.09 33.58
CA CYS D 9 -4.42 -1.87 34.28
CA CYS D 9 -4.52 -1.78 34.32
C CYS D 9 -4.83 -1.84 35.77
C CYS D 9 -4.78 -1.92 35.81
N ALA D 10 -5.88 -2.58 36.12
CA ALA D 10 -6.37 -2.60 37.49
C ALA D 10 -5.50 -3.50 38.36
N GLU D 11 -4.55 -4.23 37.77
CA GLU D 11 -3.69 -5.10 38.58
C GLU D 11 -2.48 -4.32 39.14
N TYR D 12 -2.39 -3.02 38.90
CA TYR D 12 -1.24 -2.18 39.27
C TYR D 12 -1.71 -0.91 39.98
N HIS D 13 -0.88 -0.42 40.88
CA HIS D 13 -1.04 0.89 41.45
C HIS D 13 -0.56 1.92 40.44
N ASN D 14 -1.08 3.13 40.61
CA ASN D 14 -0.59 4.33 39.93
C ASN D 14 -0.80 4.19 38.41
N THR D 15 -1.83 3.48 37.96
CA THR D 15 -2.09 3.35 36.53
C THR D 15 -3.51 3.84 36.20
N GLN D 16 -3.73 4.12 34.91
CA GLN D 16 -5.03 4.53 34.44
C GLN D 16 -5.13 4.26 32.96
N ILE D 17 -6.36 4.08 32.49
CA ILE D 17 -6.69 3.95 31.09
C ILE D 17 -7.00 5.30 30.46
N HIS D 18 -6.38 5.55 29.30
CA HIS D 18 -6.80 6.57 28.40
C HIS D 18 -7.48 5.92 27.19
N THR D 19 -8.66 6.40 26.85
CA THR D 19 -9.37 5.91 25.66
C THR D 19 -9.11 6.92 24.54
N LEU D 20 -8.27 6.59 23.56
CA LEU D 20 -7.90 7.56 22.51
C LEU D 20 -8.77 7.41 21.26
N ASN D 21 -9.01 6.17 20.80
CA ASN D 21 -9.70 5.91 19.55
C ASN D 21 -9.14 6.83 18.44
N ASP D 22 -7.83 6.85 18.29
CA ASP D 22 -7.21 7.67 17.30
C ASP D 22 -5.80 7.16 16.98
N LYS D 23 -5.29 7.56 15.82
CA LYS D 23 -3.90 7.29 15.44
C LYS D 23 -2.94 8.23 16.17
N ILE D 24 -1.71 7.78 16.16
CA ILE D 24 -0.60 8.50 16.76
C ILE D 24 -0.33 9.71 15.87
N PHE D 25 -0.26 10.90 16.50
CA PHE D 25 0.00 12.14 15.78
C PHE D 25 1.49 12.40 15.54
N SER D 26 2.34 12.08 16.53
CA SER D 26 3.79 12.26 16.38
C SER D 26 4.56 11.15 17.11
N TYR D 27 5.75 10.83 16.57
CA TYR D 27 6.63 9.80 17.15
C TYR D 27 8.02 10.39 17.23
N THR D 28 8.62 10.35 18.42
CA THR D 28 9.95 10.83 18.66
C THR D 28 10.78 9.70 19.29
N GLU D 29 12.04 9.61 18.90
CA GLU D 29 12.90 8.56 19.37
C GLU D 29 14.28 9.17 19.63
N SER D 30 14.94 8.72 20.70
CA SER D 30 16.22 9.23 21.09
C SER D 30 17.19 8.10 21.40
N LEU D 31 18.48 8.30 21.00
CA LEU D 31 19.62 7.43 21.38
C LEU D 31 20.56 8.16 22.34
N ALA D 32 20.18 9.37 22.73
CA ALA D 32 21.12 10.17 23.57
C ALA D 32 21.24 9.47 24.94
N GLY D 33 22.44 9.46 25.51
CA GLY D 33 22.69 8.64 26.67
C GLY D 33 21.92 9.18 27.87
N LYS D 34 21.27 8.26 28.60
CA LYS D 34 20.41 8.51 29.75
C LYS D 34 19.01 8.94 29.30
N ARG D 35 18.79 9.07 27.98
CA ARG D 35 17.46 9.44 27.47
C ARG D 35 17.13 8.54 26.28
N GLU D 36 17.43 7.25 26.39
CA GLU D 36 17.12 6.27 25.34
C GLU D 36 15.65 5.83 25.46
N MET D 37 14.77 6.54 24.78
CA MET D 37 13.33 6.53 25.11
C MET D 37 12.57 6.86 23.83
N ALA D 38 11.24 6.66 23.85
CA ALA D 38 10.38 7.18 22.82
C ALA D 38 9.26 8.01 23.46
N ILE D 39 8.78 8.98 22.68
CA ILE D 39 7.65 9.84 23.07
C ILE D 39 6.66 9.82 21.91
N ILE D 40 5.39 9.71 22.26
CA ILE D 40 4.36 9.84 21.25
C ILE D 40 3.36 10.90 21.73
N THR D 41 2.67 11.51 20.78
CA THR D 41 1.59 12.43 21.09
C THR D 41 0.38 12.06 20.21
N PHE D 42 -0.79 12.51 20.67
CA PHE D 42 -2.06 12.44 19.97
C PHE D 42 -2.60 13.85 19.71
N LYS D 43 -3.48 13.94 18.71
CA LYS D 43 -4.00 15.25 18.32
CA LYS D 43 -4.17 15.15 18.26
C LYS D 43 -4.79 15.90 19.46
N ASN D 44 -5.35 15.15 20.39
CA ASN D 44 -6.05 15.76 21.58
C ASN D 44 -5.05 16.42 22.54
N GLY D 45 -3.76 16.32 22.22
CA GLY D 45 -2.64 17.00 22.92
C GLY D 45 -1.92 16.09 23.93
N ALA D 46 -2.44 14.91 24.21
CA ALA D 46 -1.78 14.11 25.24
C ALA D 46 -0.44 13.48 24.73
N THR D 47 0.57 13.52 25.60
CA THR D 47 1.92 13.06 25.35
C THR D 47 2.19 11.89 26.30
N PHE D 48 2.84 10.84 25.79
CA PHE D 48 3.21 9.66 26.56
C PHE D 48 4.65 9.22 26.25
N GLN D 49 5.30 8.46 27.13
CA GLN D 49 6.63 8.01 26.91
C GLN D 49 6.67 6.49 27.09
N VAL D 50 7.67 5.85 26.46
CA VAL D 50 8.17 4.55 26.92
C VAL D 50 9.44 4.90 27.73
N GLU D 51 9.49 4.49 29.03
CA GLU D 51 10.53 4.94 29.93
C GLU D 51 11.88 4.44 29.44
N VAL D 52 12.91 5.22 29.75
CA VAL D 52 14.26 4.73 29.73
C VAL D 52 14.36 3.50 30.65
N PRO D 53 14.93 2.39 30.20
CA PRO D 53 15.07 1.22 31.07
C PRO D 53 15.89 1.57 32.31
N GLY D 54 15.46 1.07 33.47
CA GLY D 54 16.07 1.50 34.71
C GLY D 54 15.78 0.53 35.83
N SER D 55 16.17 0.92 37.04
N SER D 55 16.15 0.89 37.05
CA SER D 55 16.07 0.07 38.25
CA SER D 55 16.06 -0.04 38.21
C SER D 55 14.62 -0.26 38.63
C SER D 55 14.61 -0.21 38.70
N GLN D 56 13.65 0.49 38.08
CA GLN D 56 12.18 0.28 38.27
C GLN D 56 11.71 -0.93 37.43
N HIS D 57 12.56 -1.42 36.51
CA HIS D 57 12.19 -2.51 35.61
C HIS D 57 12.82 -3.83 36.08
N ILE D 58 12.06 -4.92 35.97
CA ILE D 58 12.57 -6.26 36.24
C ILE D 58 13.05 -6.84 34.89
N ASP D 59 13.95 -7.84 34.95
CA ASP D 59 14.63 -8.41 33.75
CA ASP D 59 14.64 -8.39 33.74
C ASP D 59 13.62 -8.78 32.66
N SER D 60 12.49 -9.37 33.10
CA SER D 60 11.42 -9.86 32.14
C SER D 60 10.81 -8.72 31.31
N GLN D 61 10.91 -7.47 31.76
CA GLN D 61 10.41 -6.30 31.08
C GLN D 61 11.36 -5.82 29.97
N LYS D 62 12.64 -6.25 29.94
CA LYS D 62 13.58 -5.58 29.02
C LYS D 62 13.21 -5.82 27.55
N LYS D 63 12.86 -7.04 27.17
CA LYS D 63 12.48 -7.29 25.79
CA LYS D 63 12.41 -7.40 25.82
C LYS D 63 11.12 -6.65 25.49
N ALA D 64 10.20 -6.56 26.49
CA ALA D 64 8.88 -5.98 26.27
C ALA D 64 8.97 -4.46 26.08
N ILE D 65 9.93 -3.80 26.76
CA ILE D 65 10.12 -2.38 26.50
C ILE D 65 10.56 -2.17 25.03
N GLU D 66 11.49 -2.98 24.55
CA GLU D 66 11.93 -2.80 23.14
C GLU D 66 10.77 -3.10 22.18
N ARG D 67 9.99 -4.16 22.49
CA ARG D 67 8.84 -4.50 21.65
CA ARG D 67 8.84 -4.50 21.64
C ARG D 67 7.86 -3.31 21.58
N MET D 68 7.64 -2.67 22.72
CA MET D 68 6.68 -1.55 22.76
C MET D 68 7.15 -0.41 21.85
N LYS D 69 8.44 -0.04 21.89
CA LYS D 69 8.95 0.98 20.94
C LYS D 69 8.78 0.53 19.48
N ASP D 70 8.96 -0.76 19.19
CA ASP D 70 8.76 -1.26 17.82
C ASP D 70 7.27 -1.10 17.43
N THR D 71 6.37 -1.47 18.34
CA THR D 71 4.90 -1.38 18.13
C THR D 71 4.46 0.08 17.85
N LEU D 72 4.97 1.01 18.67
CA LEU D 72 4.58 2.44 18.51
C LEU D 72 5.08 2.96 17.14
N ARG D 73 6.30 2.59 16.75
CA ARG D 73 6.84 3.05 15.47
C ARG D 73 5.95 2.55 14.33
N ILE D 74 5.62 1.27 14.30
CA ILE D 74 4.91 0.71 13.17
CA ILE D 74 4.92 0.72 13.16
C ILE D 74 3.44 1.14 13.21
N ALA D 75 2.91 1.37 14.42
CA ALA D 75 1.53 1.89 14.54
C ALA D 75 1.46 3.30 13.99
N TYR D 76 2.49 4.11 14.30
CA TYR D 76 2.58 5.45 13.77
C TYR D 76 2.61 5.43 12.24
N LEU D 77 3.48 4.59 11.67
CA LEU D 77 3.71 4.62 10.23
C LEU D 77 2.58 3.99 9.44
N THR D 78 1.75 3.15 10.04
CA THR D 78 0.62 2.54 9.36
CA THR D 78 0.61 2.52 9.40
C THR D 78 -0.66 3.33 9.68
N GLU D 79 -0.55 4.43 10.44
CA GLU D 79 -1.73 5.20 10.96
C GLU D 79 -2.78 4.30 11.65
N ALA D 80 -2.30 3.29 12.40
CA ALA D 80 -3.19 2.42 13.07
C ALA D 80 -3.88 3.10 14.25
N LYS D 81 -5.18 2.86 14.38
CA LYS D 81 -5.95 3.46 15.43
C LYS D 81 -5.62 2.81 16.76
N VAL D 82 -5.19 3.64 17.72
CA VAL D 82 -5.01 3.20 19.11
C VAL D 82 -6.34 3.32 19.84
N GLU D 83 -6.82 2.19 20.40
CA GLU D 83 -8.04 2.18 21.14
C GLU D 83 -7.76 2.74 22.53
N LYS D 84 -6.93 2.02 23.29
CA LYS D 84 -6.62 2.44 24.67
C LYS D 84 -5.14 2.30 25.00
N LEU D 85 -4.68 3.13 25.97
CA LEU D 85 -3.36 3.03 26.58
C LEU D 85 -3.59 2.85 28.06
N CYS D 86 -2.80 1.97 28.66
CA CYS D 86 -2.71 1.86 30.10
C CYS D 86 -1.37 2.54 30.44
N VAL D 87 -1.39 3.54 31.34
CA VAL D 87 -0.18 4.27 31.65
C VAL D 87 0.01 4.38 33.16
N TRP D 88 1.28 4.52 33.57
CA TRP D 88 1.62 4.98 34.93
C TRP D 88 1.50 6.52 34.98
N ASN D 89 0.69 6.98 35.92
CA ASN D 89 0.41 8.42 36.11
C ASN D 89 1.36 9.06 37.14
N ASN D 90 2.35 8.30 37.62
CA ASN D 90 3.40 8.84 38.51
C ASN D 90 4.70 9.17 37.74
N LYS D 91 4.56 9.40 36.44
CA LYS D 91 5.65 9.87 35.62
C LYS D 91 5.06 10.94 34.67
N THR D 92 5.90 11.86 34.21
CA THR D 92 5.59 12.81 33.17
C THR D 92 6.66 12.78 32.10
N PRO D 93 6.27 12.62 30.84
CA PRO D 93 4.95 12.22 30.38
C PRO D 93 4.53 10.90 31.04
N HIS D 94 3.21 10.65 31.00
CA HIS D 94 2.79 9.37 31.58
C HIS D 94 3.45 8.20 30.83
N ALA D 95 3.79 7.13 31.58
CA ALA D 95 4.60 6.02 31.04
C ALA D 95 3.68 4.91 30.57
N ILE D 96 3.88 4.51 29.28
CA ILE D 96 3.11 3.39 28.71
C ILE D 96 3.42 2.07 29.38
N ALA D 97 2.35 1.40 29.84
CA ALA D 97 2.34 0.03 30.33
C ALA D 97 1.76 -0.95 29.31
N ALA D 98 0.75 -0.54 28.54
CA ALA D 98 0.17 -1.43 27.61
C ALA D 98 -0.60 -0.63 26.56
N ILE D 99 -0.86 -1.26 25.41
CA ILE D 99 -1.55 -0.61 24.33
C ILE D 99 -2.55 -1.60 23.76
N SER D 100 -3.72 -1.11 23.39
CA SER D 100 -4.65 -1.88 22.56
C SER D 100 -4.98 -1.13 21.24
N MET D 101 -5.02 -1.90 20.14
CA MET D 101 -5.36 -1.39 18.83
C MET D 101 -6.59 -2.14 18.33
N ALA D 102 -7.56 -1.39 17.76
CA ALA D 102 -8.76 -1.88 17.22
C ALA D 102 -9.37 -0.79 16.32
N ASN D 103 -9.99 -1.18 15.23
CA ASN D 103 -10.67 -0.22 14.39
C ASN D 103 -11.85 -0.91 13.69
N THR E 1 7.40 -35.48 12.17
CA THR E 1 7.12 -34.03 12.11
C THR E 1 5.77 -33.76 11.49
N PRO E 2 4.92 -32.86 12.06
CA PRO E 2 3.60 -32.61 11.47
C PRO E 2 3.67 -31.80 10.15
N GLN E 3 2.69 -31.98 9.28
CA GLN E 3 2.65 -31.28 8.03
C GLN E 3 1.62 -30.16 8.02
N ASN E 4 0.88 -30.00 9.13
CA ASN E 4 -0.13 -28.95 9.22
C ASN E 4 -0.46 -28.71 10.70
N ILE E 5 -1.23 -27.66 10.96
CA ILE E 5 -1.47 -27.23 12.27
C ILE E 5 -2.31 -28.26 13.04
N THR E 6 -3.25 -28.92 12.39
CA THR E 6 -4.18 -29.80 13.07
C THR E 6 -3.39 -31.00 13.63
N ASP E 7 -2.49 -31.50 12.80
CA ASP E 7 -1.64 -32.62 13.15
C ASP E 7 -0.66 -32.19 14.25
N LEU E 8 -0.22 -30.93 14.25
CA LEU E 8 0.66 -30.44 15.27
C LEU E 8 -0.07 -30.38 16.61
N CYS E 9 -1.29 -29.84 16.59
N CYS E 9 -1.27 -29.79 16.59
CA CYS E 9 -2.08 -29.66 17.80
CA CYS E 9 -2.15 -29.67 17.78
C CYS E 9 -2.37 -31.01 18.48
C CYS E 9 -2.24 -31.03 18.48
N ALA E 10 -2.46 -32.07 17.69
CA ALA E 10 -2.71 -33.42 18.20
C ALA E 10 -1.48 -34.07 18.87
N GLU E 11 -0.29 -33.44 18.80
CA GLU E 11 0.90 -33.92 19.50
C GLU E 11 0.99 -33.45 20.97
N TYR E 12 -0.05 -32.76 21.48
CA TYR E 12 0.03 -32.12 22.83
C TYR E 12 -1.26 -32.41 23.60
N HIS E 13 -1.21 -32.49 24.91
CA HIS E 13 -2.39 -32.60 25.74
C HIS E 13 -2.97 -31.22 25.99
N ASN E 14 -4.29 -31.16 26.23
CA ASN E 14 -4.97 -29.92 26.62
C ASN E 14 -4.96 -28.89 25.51
N THR E 15 -4.90 -29.29 24.24
CA THR E 15 -4.97 -28.37 23.16
C THR E 15 -6.21 -28.61 22.32
N GLN E 16 -6.61 -27.56 21.59
CA GLN E 16 -7.68 -27.63 20.65
C GLN E 16 -7.45 -26.63 19.52
N ILE E 17 -8.02 -26.99 18.39
CA ILE E 17 -8.06 -26.16 17.20
C ILE E 17 -9.33 -25.30 17.23
N HIS E 18 -9.14 -23.99 16.98
CA HIS E 18 -10.21 -23.04 16.76
C HIS E 18 -10.13 -22.62 15.31
N THR E 19 -11.22 -22.79 14.56
CA THR E 19 -11.28 -22.32 13.16
C THR E 19 -11.93 -20.91 13.15
N LEU E 20 -11.14 -19.88 12.82
CA LEU E 20 -11.62 -18.51 12.89
C LEU E 20 -11.99 -18.03 11.48
N ASN E 21 -11.17 -18.32 10.45
CA ASN E 21 -11.36 -17.76 9.06
C ASN E 21 -11.74 -16.27 9.13
N ASP E 22 -10.97 -15.49 9.85
CA ASP E 22 -11.26 -14.06 10.01
C ASP E 22 -9.99 -13.30 10.42
N LYS E 23 -9.97 -12.00 10.13
CA LYS E 23 -8.85 -11.19 10.59
C LYS E 23 -8.96 -10.97 12.10
N ILE E 24 -7.86 -10.54 12.71
CA ILE E 24 -7.82 -10.18 14.09
C ILE E 24 -8.57 -8.84 14.32
N PHE E 25 -9.45 -8.78 15.31
CA PHE E 25 -10.25 -7.56 15.56
C PHE E 25 -9.49 -6.57 16.44
N SER E 26 -8.77 -7.07 17.46
CA SER E 26 -7.98 -6.24 18.36
C SER E 26 -6.66 -6.93 18.72
N TYR E 27 -5.63 -6.12 18.91
CA TYR E 27 -4.32 -6.55 19.34
C TYR E 27 -3.90 -5.71 20.54
N THR E 28 -3.56 -6.36 21.65
CA THR E 28 -3.14 -5.73 22.92
C THR E 28 -1.80 -6.29 23.32
N GLU E 29 -0.88 -5.43 23.71
CA GLU E 29 0.35 -5.94 24.28
CA GLU E 29 0.49 -5.74 24.10
C GLU E 29 0.77 -5.07 25.47
N SER E 30 1.53 -5.71 26.35
CA SER E 30 1.83 -5.14 27.68
C SER E 30 3.30 -5.33 28.00
N LEU E 31 3.91 -4.30 28.59
CA LEU E 31 5.24 -4.40 29.16
C LEU E 31 5.24 -4.37 30.69
N ALA E 32 4.06 -4.34 31.31
CA ALA E 32 4.02 -4.23 32.76
C ALA E 32 4.63 -5.51 33.37
N GLY E 33 5.29 -5.38 34.49
CA GLY E 33 6.07 -6.50 35.03
C GLY E 33 5.15 -7.62 35.49
N LYS E 34 5.53 -8.86 35.15
CA LYS E 34 4.82 -10.10 35.36
C LYS E 34 3.60 -10.23 34.43
N ARG E 35 3.38 -9.28 33.51
CA ARG E 35 2.25 -9.33 32.59
C ARG E 35 2.77 -8.91 31.21
N GLU E 36 3.98 -9.41 30.86
CA GLU E 36 4.60 -9.21 29.57
C GLU E 36 3.99 -10.17 28.54
N MET E 37 2.83 -9.80 28.01
CA MET E 37 1.95 -10.77 27.31
C MET E 37 1.33 -10.00 26.13
N ALA E 38 0.68 -10.71 25.21
CA ALA E 38 -0.19 -10.15 24.18
C ALA E 38 -1.57 -10.81 24.29
N ILE E 39 -2.60 -10.07 23.88
CA ILE E 39 -3.96 -10.59 23.85
C ILE E 39 -4.52 -10.19 22.49
N ILE E 40 -5.20 -11.12 21.83
CA ILE E 40 -5.90 -10.80 20.56
C ILE E 40 -7.37 -11.13 20.74
N THR E 41 -8.22 -10.40 20.03
CA THR E 41 -9.62 -10.82 19.92
C THR E 41 -10.03 -10.87 18.45
N PHE E 42 -11.13 -11.60 18.24
CA PHE E 42 -11.86 -11.65 16.98
C PHE E 42 -13.27 -11.07 17.18
N LYS E 43 -13.92 -10.69 16.08
CA LYS E 43 -15.13 -9.85 16.25
C LYS E 43 -16.31 -10.67 16.80
N ASN E 44 -16.23 -11.99 16.74
CA ASN E 44 -17.23 -12.86 17.38
C ASN E 44 -17.00 -12.99 18.88
N GLY E 45 -15.99 -12.31 19.42
CA GLY E 45 -15.71 -12.24 20.88
C GLY E 45 -14.62 -13.21 21.37
N ALA E 46 -14.10 -14.09 20.50
CA ALA E 46 -13.09 -15.06 20.92
C ALA E 46 -11.84 -14.27 21.32
N THR E 47 -11.23 -14.64 22.46
CA THR E 47 -10.11 -13.96 23.00
C THR E 47 -9.02 -14.99 23.31
N PHE E 48 -7.77 -14.63 23.02
CA PHE E 48 -6.61 -15.51 23.15
C PHE E 48 -5.41 -14.71 23.64
N GLN E 49 -4.49 -15.40 24.30
CA GLN E 49 -3.28 -14.80 24.76
C GLN E 49 -2.05 -15.51 24.19
N VAL E 50 -0.92 -14.76 24.17
CA VAL E 50 0.41 -15.34 24.20
C VAL E 50 0.94 -15.19 25.63
N GLU E 51 1.17 -16.31 26.30
CA GLU E 51 1.46 -16.38 27.70
C GLU E 51 2.74 -15.61 28.05
N VAL E 52 2.75 -15.05 29.26
CA VAL E 52 3.97 -14.52 29.88
C VAL E 52 4.99 -15.65 29.91
N PRO E 53 6.24 -15.42 29.50
CA PRO E 53 7.25 -16.49 29.56
C PRO E 53 7.47 -16.96 31.00
N GLY E 54 7.45 -18.27 31.25
CA GLY E 54 7.56 -18.77 32.60
C GLY E 54 8.13 -20.18 32.68
N SER E 55 8.05 -20.78 33.86
CA SER E 55 8.69 -22.07 34.11
C SER E 55 7.99 -23.20 33.35
N GLN E 56 6.79 -22.98 32.81
CA GLN E 56 6.12 -23.95 31.89
C GLN E 56 6.86 -24.05 30.54
N HIS E 57 7.69 -23.07 30.16
CA HIS E 57 8.34 -23.01 28.84
C HIS E 57 9.78 -23.51 28.91
N ILE E 58 10.20 -24.28 27.92
CA ILE E 58 11.57 -24.69 27.78
C ILE E 58 12.34 -23.61 27.01
N ASP E 59 13.65 -23.68 27.13
CA ASP E 59 14.51 -22.63 26.61
CA ASP E 59 14.56 -22.65 26.59
C ASP E 59 14.23 -22.35 25.12
N SER E 60 14.01 -23.42 24.34
CA SER E 60 13.77 -23.36 22.87
C SER E 60 12.48 -22.60 22.54
N GLN E 61 11.52 -22.44 23.48
CA GLN E 61 10.33 -21.70 23.24
C GLN E 61 10.53 -20.17 23.39
N LYS E 62 11.62 -19.67 24.01
CA LYS E 62 11.79 -18.22 24.37
CA LYS E 62 11.68 -18.25 24.36
C LYS E 62 11.67 -17.39 23.08
N LYS E 63 12.43 -17.76 22.07
CA LYS E 63 12.50 -17.06 20.76
CA LYS E 63 12.44 -16.94 20.85
C LYS E 63 11.16 -17.19 20.04
N ALA E 64 10.55 -18.38 20.17
CA ALA E 64 9.33 -18.62 19.42
C ALA E 64 8.16 -17.84 20.05
N ILE E 65 8.17 -17.64 21.37
CA ILE E 65 7.15 -16.77 22.01
C ILE E 65 7.27 -15.34 21.46
N GLU E 66 8.50 -14.86 21.40
CA GLU E 66 8.71 -13.49 20.88
C GLU E 66 8.31 -13.40 19.39
N ARG E 67 8.66 -14.43 18.60
CA ARG E 67 8.23 -14.42 17.19
C ARG E 67 6.68 -14.40 17.07
N MET E 68 5.98 -15.22 17.85
CA MET E 68 4.56 -15.27 17.78
C MET E 68 3.91 -13.89 18.05
N LYS E 69 4.46 -13.14 19.03
CA LYS E 69 3.92 -11.77 19.24
C LYS E 69 4.20 -10.88 18.02
N ASP E 70 5.34 -11.05 17.35
CA ASP E 70 5.66 -10.27 16.16
C ASP E 70 4.67 -10.65 15.05
N THR E 71 4.39 -11.95 14.94
CA THR E 71 3.50 -12.44 13.88
C THR E 71 2.07 -11.87 14.08
N LEU E 72 1.58 -11.97 15.31
CA LEU E 72 0.22 -11.39 15.64
C LEU E 72 0.12 -9.92 15.34
N ARG E 73 1.17 -9.17 15.68
CA ARG E 73 1.11 -7.70 15.42
C ARG E 73 1.05 -7.42 13.93
N ILE E 74 1.89 -8.08 13.11
CA ILE E 74 1.91 -7.77 11.67
CA ILE E 74 1.91 -7.76 11.68
C ILE E 74 0.67 -8.37 11.00
N ALA E 75 0.19 -9.52 11.46
CA ALA E 75 -1.10 -10.01 10.93
C ALA E 75 -2.22 -8.99 11.21
N TYR E 76 -2.29 -8.50 12.43
CA TYR E 76 -3.29 -7.46 12.81
C TYR E 76 -3.21 -6.27 11.86
N LEU E 77 -2.00 -5.76 11.69
CA LEU E 77 -1.78 -4.54 10.87
C LEU E 77 -1.98 -4.73 9.37
N THR E 78 -1.89 -5.95 8.86
CA THR E 78 -2.16 -6.22 7.45
C THR E 78 -3.58 -6.77 7.22
N GLU E 79 -4.36 -6.90 8.31
CA GLU E 79 -5.74 -7.53 8.22
C GLU E 79 -5.64 -8.92 7.58
N ALA E 80 -4.58 -9.67 7.87
CA ALA E 80 -4.43 -11.02 7.35
C ALA E 80 -5.49 -11.94 7.96
N LYS E 81 -6.09 -12.74 7.11
CA LYS E 81 -7.03 -13.74 7.56
CA LYS E 81 -7.05 -13.74 7.60
C LYS E 81 -6.28 -14.84 8.33
N VAL E 82 -6.76 -15.10 9.54
CA VAL E 82 -6.28 -16.19 10.37
C VAL E 82 -7.20 -17.36 10.05
N GLU E 83 -6.62 -18.48 9.65
CA GLU E 83 -7.41 -19.68 9.38
C GLU E 83 -7.72 -20.40 10.69
N LYS E 84 -6.70 -20.92 11.36
CA LYS E 84 -6.82 -21.67 12.57
C LYS E 84 -5.82 -21.17 13.62
N LEU E 85 -6.21 -21.36 14.89
CA LEU E 85 -5.31 -21.30 16.03
C LEU E 85 -5.35 -22.64 16.76
N CYS E 86 -4.18 -23.10 17.20
CA CYS E 86 -4.04 -24.19 18.12
C CYS E 86 -3.78 -23.58 19.49
N VAL E 87 -4.64 -23.86 20.47
CA VAL E 87 -4.50 -23.22 21.79
C VAL E 87 -4.48 -24.27 22.88
N TRP E 88 -3.89 -23.91 24.00
CA TRP E 88 -4.08 -24.64 25.28
C TRP E 88 -5.34 -24.13 25.94
N ASN E 89 -6.21 -25.08 26.27
CA ASN E 89 -7.54 -24.76 26.86
C ASN E 89 -7.51 -24.83 28.39
N ASN E 90 -6.32 -24.90 29.00
CA ASN E 90 -6.18 -24.94 30.46
C ASN E 90 -5.61 -23.63 30.99
N LYS E 91 -5.84 -22.54 30.25
CA LYS E 91 -5.52 -21.20 30.63
C LYS E 91 -6.65 -20.29 30.14
N THR E 92 -6.86 -19.17 30.84
CA THR E 92 -7.83 -18.15 30.38
C THR E 92 -7.13 -16.82 30.29
N PRO E 93 -7.21 -16.14 29.15
CA PRO E 93 -7.68 -16.60 27.87
C PRO E 93 -6.93 -17.88 27.43
N HIS E 94 -7.54 -18.68 26.54
CA HIS E 94 -6.84 -19.76 25.92
C HIS E 94 -5.51 -19.31 25.28
N ALA E 95 -4.48 -20.16 25.46
CA ALA E 95 -3.08 -19.74 25.18
C ALA E 95 -2.60 -20.24 23.81
N ILE E 96 -2.15 -19.32 22.95
CA ILE E 96 -1.79 -19.67 21.58
C ILE E 96 -0.53 -20.55 21.53
N ALA E 97 -0.68 -21.72 20.90
CA ALA E 97 0.46 -22.63 20.60
C ALA E 97 0.92 -22.48 19.13
N ALA E 98 0.00 -22.24 18.19
CA ALA E 98 0.32 -22.19 16.82
C ALA E 98 -0.74 -21.38 16.09
N ILE E 99 -0.38 -20.87 14.92
CA ILE E 99 -1.31 -20.10 14.08
C ILE E 99 -1.10 -20.51 12.62
N SER E 100 -2.18 -20.61 11.85
CA SER E 100 -2.12 -20.73 10.40
C SER E 100 -2.89 -19.57 9.77
N MET E 101 -2.34 -19.06 8.69
CA MET E 101 -2.91 -18.02 7.86
C MET E 101 -2.96 -18.52 6.42
N ALA E 102 -4.11 -18.33 5.78
CA ALA E 102 -4.39 -18.66 4.39
C ALA E 102 -5.56 -17.74 3.94
N ASN E 103 -5.64 -17.37 2.65
CA ASN E 103 -6.81 -16.55 2.17
C ASN E 103 -7.00 -16.68 0.66
N THR F 1 -26.61 -17.27 -21.05
CA THR F 1 -25.55 -16.48 -20.51
C THR F 1 -24.48 -17.41 -19.96
N PRO F 2 -23.21 -17.20 -20.31
CA PRO F 2 -22.12 -18.02 -19.78
C PRO F 2 -21.76 -17.75 -18.31
N GLN F 3 -21.20 -18.78 -17.66
CA GLN F 3 -20.81 -18.77 -16.28
C GLN F 3 -19.33 -18.49 -16.06
N ASN F 4 -18.57 -18.46 -17.16
CA ASN F 4 -17.09 -18.30 -17.09
C ASN F 4 -16.54 -17.92 -18.47
N ILE F 5 -15.29 -17.50 -18.47
CA ILE F 5 -14.68 -16.93 -19.66
C ILE F 5 -14.55 -17.96 -20.79
N THR F 6 -14.36 -19.22 -20.45
CA THR F 6 -14.17 -20.26 -21.46
C THR F 6 -15.49 -20.46 -22.18
N ASP F 7 -16.60 -20.45 -21.42
CA ASP F 7 -17.92 -20.67 -22.06
C ASP F 7 -18.32 -19.42 -22.87
N LEU F 8 -17.87 -18.26 -22.43
CA LEU F 8 -18.18 -17.04 -23.15
C LEU F 8 -17.44 -17.08 -24.48
N CYS F 9 -16.16 -17.44 -24.43
N CYS F 9 -16.11 -17.38 -24.45
CA CYS F 9 -15.34 -17.50 -25.59
CA CYS F 9 -15.25 -17.61 -25.67
C CYS F 9 -15.94 -18.47 -26.64
C CYS F 9 -15.98 -18.49 -26.69
N ALA F 10 -16.56 -19.59 -26.22
CA ALA F 10 -17.20 -20.55 -27.07
C ALA F 10 -18.45 -19.97 -27.77
N GLU F 11 -18.98 -18.79 -27.34
CA GLU F 11 -20.15 -18.17 -27.99
C GLU F 11 -19.74 -17.29 -29.18
N TYR F 12 -18.42 -17.19 -29.44
CA TYR F 12 -17.89 -16.33 -30.53
C TYR F 12 -17.02 -17.15 -31.48
N HIS F 13 -17.07 -16.83 -32.75
CA HIS F 13 -16.34 -17.56 -33.75
C HIS F 13 -14.97 -16.91 -33.88
N ASN F 14 -13.98 -17.70 -34.33
CA ASN F 14 -12.64 -17.16 -34.56
C ASN F 14 -12.00 -16.68 -33.25
N THR F 15 -12.30 -17.31 -32.09
CA THR F 15 -11.70 -16.92 -30.80
C THR F 15 -10.99 -18.11 -30.18
N GLN F 16 -10.11 -17.79 -29.22
CA GLN F 16 -9.41 -18.81 -28.47
C GLN F 16 -9.15 -18.26 -27.08
N ILE F 17 -8.98 -19.18 -26.14
CA ILE F 17 -8.54 -18.84 -24.77
C ILE F 17 -7.01 -18.95 -24.69
N HIS F 18 -6.33 -17.95 -24.13
CA HIS F 18 -4.94 -18.03 -23.69
C HIS F 18 -4.91 -18.13 -22.16
N THR F 19 -4.20 -19.13 -21.65
CA THR F 19 -4.06 -19.25 -20.21
C THR F 19 -2.69 -18.67 -19.84
N LEU F 20 -2.64 -17.53 -19.16
CA LEU F 20 -1.41 -16.84 -18.87
C LEU F 20 -0.96 -17.15 -17.45
N ASN F 21 -1.87 -17.05 -16.49
CA ASN F 21 -1.58 -17.17 -15.05
C ASN F 21 -0.36 -16.32 -14.69
N ASP F 22 -0.38 -15.03 -15.09
CA ASP F 22 0.74 -14.15 -14.82
C ASP F 22 0.26 -12.69 -14.82
N LYS F 23 1.06 -11.83 -14.21
CA LYS F 23 0.83 -10.38 -14.30
C LYS F 23 1.26 -9.85 -15.66
N ILE F 24 0.75 -8.68 -15.97
CA ILE F 24 1.06 -7.97 -17.19
C ILE F 24 2.46 -7.37 -17.10
N PHE F 25 3.27 -7.65 -18.12
CA PHE F 25 4.65 -7.23 -18.11
C PHE F 25 4.76 -5.77 -18.55
N SER F 26 3.98 -5.40 -19.56
CA SER F 26 3.98 -4.00 -20.05
C SER F 26 2.58 -3.58 -20.49
N TYR F 27 2.37 -2.28 -20.36
CA TYR F 27 1.12 -1.61 -20.77
C TYR F 27 1.46 -0.37 -21.59
N THR F 28 0.90 -0.30 -22.79
CA THR F 28 1.13 0.77 -23.74
C THR F 28 -0.25 1.32 -24.16
N GLU F 29 -0.38 2.64 -24.19
CA GLU F 29 -1.57 3.21 -24.75
C GLU F 29 -1.23 4.43 -25.62
N SER F 30 -2.09 4.64 -26.61
CA SER F 30 -1.90 5.64 -27.63
C SER F 30 -3.14 6.52 -27.79
N LEU F 31 -2.94 7.81 -27.96
CA LEU F 31 -4.01 8.75 -28.39
C LEU F 31 -3.83 9.20 -29.87
N ALA F 32 -2.85 8.63 -30.58
CA ALA F 32 -2.63 9.05 -31.95
C ALA F 32 -3.82 8.66 -32.83
N GLY F 33 -4.24 9.55 -33.73
CA GLY F 33 -5.45 9.36 -34.52
C GLY F 33 -5.35 8.13 -35.40
N LYS F 34 -6.40 7.28 -35.33
CA LYS F 34 -6.51 5.98 -36.03
CA LYS F 34 -6.53 5.99 -36.01
C LYS F 34 -5.77 4.86 -35.30
N ARG F 35 -5.07 5.17 -34.19
CA ARG F 35 -4.43 4.18 -33.36
C ARG F 35 -4.75 4.42 -31.87
N GLU F 36 -6.02 4.70 -31.58
CA GLU F 36 -6.47 4.92 -30.23
C GLU F 36 -6.71 3.56 -29.62
N MET F 37 -5.65 2.98 -29.04
CA MET F 37 -5.65 1.59 -28.72
C MET F 37 -4.82 1.36 -27.46
N ALA F 38 -4.82 0.13 -26.98
CA ALA F 38 -3.88 -0.30 -25.92
C ALA F 38 -3.22 -1.63 -26.35
N ILE F 39 -2.00 -1.85 -25.86
CA ILE F 39 -1.25 -3.06 -26.10
C ILE F 39 -0.67 -3.53 -24.79
N ILE F 40 -0.84 -4.83 -24.48
CA ILE F 40 -0.22 -5.40 -23.30
C ILE F 40 0.65 -6.57 -23.74
N THR F 41 1.71 -6.78 -22.94
CA THR F 41 2.52 -7.97 -23.13
C THR F 41 2.75 -8.68 -21.81
N PHE F 42 3.11 -9.97 -21.91
CA PHE F 42 3.49 -10.77 -20.80
C PHE F 42 4.97 -11.18 -20.98
N LYS F 43 5.60 -11.66 -19.93
CA LYS F 43 7.05 -11.80 -20.00
C LYS F 43 7.47 -12.94 -20.93
N ASN F 44 6.56 -13.88 -21.21
CA ASN F 44 6.78 -14.93 -22.21
C ASN F 44 6.68 -14.37 -23.66
N GLY F 45 6.45 -13.08 -23.84
CA GLY F 45 6.45 -12.45 -25.16
C GLY F 45 5.05 -12.35 -25.75
N ALA F 46 4.07 -13.01 -25.18
CA ALA F 46 2.70 -12.92 -25.73
C ALA F 46 2.23 -11.45 -25.70
N THR F 47 1.66 -10.98 -26.83
CA THR F 47 1.28 -9.60 -27.04
C THR F 47 -0.20 -9.53 -27.44
N PHE F 48 -0.96 -8.60 -26.86
CA PHE F 48 -2.42 -8.53 -27.08
C PHE F 48 -2.82 -7.07 -27.25
N GLN F 49 -3.84 -6.79 -28.07
CA GLN F 49 -4.34 -5.48 -28.22
C GLN F 49 -5.82 -5.39 -27.74
N VAL F 50 -6.19 -4.17 -27.35
CA VAL F 50 -7.61 -3.68 -27.38
C VAL F 50 -7.77 -2.88 -28.66
N GLU F 51 -8.59 -3.38 -29.59
CA GLU F 51 -8.65 -2.81 -30.92
C GLU F 51 -9.09 -1.36 -30.86
N VAL F 52 -8.64 -0.58 -31.86
CA VAL F 52 -9.26 0.72 -32.16
C VAL F 52 -10.75 0.54 -32.42
N PRO F 53 -11.67 1.33 -31.82
CA PRO F 53 -13.11 1.23 -32.15
C PRO F 53 -13.34 1.36 -33.66
N GLY F 54 -14.16 0.48 -34.24
CA GLY F 54 -14.30 0.47 -35.70
C GLY F 54 -15.64 -0.06 -36.10
N SER F 55 -15.82 -0.15 -37.42
CA SER F 55 -17.08 -0.64 -38.01
C SER F 55 -17.35 -2.09 -37.61
N GLN F 56 -16.33 -2.85 -37.18
CA GLN F 56 -16.58 -4.20 -36.66
C GLN F 56 -17.37 -4.17 -35.33
N HIS F 57 -17.42 -3.03 -34.61
CA HIS F 57 -17.97 -2.95 -33.25
C HIS F 57 -19.39 -2.41 -33.30
N ILE F 58 -20.27 -2.97 -32.50
CA ILE F 58 -21.66 -2.44 -32.38
C ILE F 58 -21.65 -1.40 -31.26
N ASP F 59 -22.70 -0.56 -31.21
N ASP F 59 -22.72 -0.59 -31.19
CA ASP F 59 -22.66 0.62 -30.37
CA ASP F 59 -22.68 0.64 -30.39
C ASP F 59 -22.50 0.20 -28.89
C ASP F 59 -22.64 0.29 -28.88
N SER F 60 -23.18 -0.87 -28.49
CA SER F 60 -23.10 -1.35 -27.08
C SER F 60 -21.67 -1.71 -26.68
N GLN F 61 -20.74 -1.97 -27.64
CA GLN F 61 -19.35 -2.33 -27.31
C GLN F 61 -18.50 -1.09 -26.98
N LYS F 62 -18.91 0.13 -27.40
CA LYS F 62 -18.00 1.25 -27.26
CA LYS F 62 -18.10 1.34 -27.24
C LYS F 62 -17.64 1.48 -25.79
N LYS F 63 -18.60 1.50 -24.89
CA LYS F 63 -18.30 1.66 -23.48
C LYS F 63 -17.46 0.49 -22.92
N ALA F 64 -17.68 -0.74 -23.37
CA ALA F 64 -16.94 -1.88 -22.83
C ALA F 64 -15.47 -1.83 -23.30
N ILE F 65 -15.23 -1.31 -24.53
CA ILE F 65 -13.83 -1.13 -25.01
C ILE F 65 -13.11 -0.17 -24.07
N GLU F 66 -13.75 0.96 -23.70
CA GLU F 66 -13.08 1.91 -22.79
C GLU F 66 -12.84 1.24 -21.45
N ARG F 67 -13.82 0.49 -20.98
CA ARG F 67 -13.72 -0.17 -19.68
C ARG F 67 -12.54 -1.16 -19.71
N MET F 68 -12.42 -1.92 -20.79
CA MET F 68 -11.34 -2.92 -20.87
C MET F 68 -9.97 -2.23 -20.78
N LYS F 69 -9.78 -1.08 -21.45
CA LYS F 69 -8.50 -0.40 -21.30
C LYS F 69 -8.27 0.10 -19.87
N ASP F 70 -9.31 0.52 -19.17
CA ASP F 70 -9.19 0.94 -17.76
C ASP F 70 -8.79 -0.29 -16.92
N THR F 71 -9.42 -1.43 -17.20
CA THR F 71 -9.17 -2.66 -16.47
C THR F 71 -7.71 -3.10 -16.66
N LEU F 72 -7.20 -3.05 -17.88
CA LEU F 72 -5.82 -3.47 -18.17
C LEU F 72 -4.83 -2.57 -17.43
N ARG F 73 -5.13 -1.27 -17.42
CA ARG F 73 -4.20 -0.31 -16.79
C ARG F 73 -4.13 -0.56 -15.27
N ILE F 74 -5.28 -0.75 -14.60
CA ILE F 74 -5.22 -0.92 -13.16
CA ILE F 74 -5.27 -0.93 -13.17
C ILE F 74 -4.72 -2.33 -12.82
N ALA F 75 -4.99 -3.33 -13.69
CA ALA F 75 -4.39 -4.66 -13.46
C ALA F 75 -2.85 -4.58 -13.51
N TYR F 76 -2.34 -3.84 -14.50
CA TYR F 76 -0.90 -3.62 -14.67
C TYR F 76 -0.34 -2.96 -13.41
N LEU F 77 -0.95 -1.85 -12.99
CA LEU F 77 -0.46 -1.09 -11.83
C LEU F 77 -0.60 -1.82 -10.48
N THR F 78 -1.51 -2.79 -10.34
CA THR F 78 -1.66 -3.54 -9.07
CA THR F 78 -1.76 -3.57 -9.13
C THR F 78 -0.93 -4.89 -9.17
N GLU F 79 -0.27 -5.17 -10.30
CA GLU F 79 0.43 -6.46 -10.54
C GLU F 79 -0.57 -7.60 -10.36
N ALA F 80 -1.82 -7.37 -10.75
CA ALA F 80 -2.86 -8.45 -10.66
C ALA F 80 -2.58 -9.59 -11.67
N LYS F 81 -2.64 -10.82 -11.18
CA LYS F 81 -2.48 -12.01 -12.05
CA LYS F 81 -2.50 -12.01 -12.01
C LYS F 81 -3.68 -12.11 -12.99
N VAL F 82 -3.38 -12.16 -14.27
CA VAL F 82 -4.36 -12.46 -15.30
C VAL F 82 -4.42 -13.98 -15.47
N GLU F 83 -5.67 -14.55 -15.45
N GLU F 83 -5.67 -14.55 -15.45
CA GLU F 83 -5.83 -16.02 -15.41
CA GLU F 83 -5.78 -16.03 -15.43
C GLU F 83 -5.91 -16.58 -16.89
C GLU F 83 -5.90 -16.57 -16.91
N LYS F 84 -6.92 -15.89 -17.59
CA LYS F 84 -7.16 -16.15 -18.98
C LYS F 84 -7.51 -14.86 -19.75
N LEU F 85 -7.21 -14.91 -21.06
CA LEU F 85 -7.73 -13.97 -22.02
C LEU F 85 -8.50 -14.74 -23.07
N CYS F 86 -9.68 -14.21 -23.46
CA CYS F 86 -10.40 -14.68 -24.67
C CYS F 86 -10.08 -13.66 -25.76
N VAL F 87 -9.57 -14.12 -26.90
CA VAL F 87 -9.12 -13.24 -27.93
C VAL F 87 -9.68 -13.69 -29.29
N TRP F 88 -9.73 -12.73 -30.22
CA TRP F 88 -9.86 -12.99 -31.64
C TRP F 88 -8.47 -13.24 -32.23
N ASN F 89 -8.25 -14.44 -32.77
CA ASN F 89 -6.91 -14.83 -33.13
C ASN F 89 -6.60 -14.60 -34.64
N ASN F 90 -7.48 -14.08 -35.47
N ASN F 90 -7.61 -14.01 -35.34
CA ASN F 90 -7.11 -13.57 -36.80
CA ASN F 90 -7.70 -13.41 -36.73
C ASN F 90 -7.21 -12.03 -36.76
C ASN F 90 -6.76 -12.18 -36.80
N LYS F 91 -6.67 -11.46 -35.67
CA LYS F 91 -6.09 -10.11 -35.62
C LYS F 91 -4.65 -10.31 -35.13
N THR F 92 -3.80 -9.36 -35.48
CA THR F 92 -2.42 -9.34 -34.99
C THR F 92 -2.11 -7.94 -34.50
N PRO F 93 -1.67 -7.80 -33.24
CA PRO F 93 -1.77 -8.78 -32.18
C PRO F 93 -3.19 -9.32 -31.98
N HIS F 94 -3.27 -10.49 -31.34
CA HIS F 94 -4.54 -11.03 -30.94
C HIS F 94 -5.36 -9.96 -30.20
N ALA F 95 -6.67 -9.90 -30.49
CA ALA F 95 -7.50 -8.82 -29.94
C ALA F 95 -8.33 -9.35 -28.77
N ILE F 96 -8.27 -8.64 -27.66
CA ILE F 96 -8.93 -9.04 -26.44
C ILE F 96 -10.44 -8.85 -26.58
N ALA F 97 -11.17 -9.95 -26.32
CA ALA F 97 -12.63 -9.96 -26.09
C ALA F 97 -13.03 -9.99 -24.60
N ALA F 98 -12.26 -10.69 -23.74
CA ALA F 98 -12.54 -10.82 -22.33
C ALA F 98 -11.27 -11.17 -21.57
N ILE F 99 -11.32 -10.88 -20.29
CA ILE F 99 -10.24 -11.13 -19.37
C ILE F 99 -10.83 -11.73 -18.09
N SER F 100 -10.10 -12.66 -17.51
CA SER F 100 -10.39 -13.17 -16.16
C SER F 100 -9.17 -12.98 -15.26
N MET F 101 -9.41 -12.56 -14.04
CA MET F 101 -8.38 -12.46 -13.00
C MET F 101 -8.80 -13.29 -11.81
N ALA F 102 -7.81 -14.04 -11.28
CA ALA F 102 -7.96 -14.84 -10.13
C ALA F 102 -6.56 -15.09 -9.59
N ASN F 103 -6.41 -15.15 -8.28
CA ASN F 103 -5.11 -15.51 -7.65
C ASN F 103 -5.37 -16.05 -6.23
N THR G 1 -37.97 4.54 1.75
CA THR G 1 -36.57 4.25 1.31
C THR G 1 -35.93 3.21 2.24
N PRO G 2 -35.31 2.15 1.69
CA PRO G 2 -34.65 1.15 2.52
C PRO G 2 -33.41 1.70 3.25
N GLN G 3 -33.14 1.15 4.45
CA GLN G 3 -32.01 1.50 5.24
C GLN G 3 -30.90 0.46 5.09
N ASN G 4 -31.15 -0.65 4.39
CA ASN G 4 -30.08 -1.67 4.20
C ASN G 4 -30.44 -2.55 3.02
N ILE G 5 -29.48 -3.39 2.63
CA ILE G 5 -29.58 -4.17 1.41
C ILE G 5 -30.70 -5.20 1.53
N THR G 6 -30.92 -5.73 2.70
CA THR G 6 -32.00 -6.77 2.89
C THR G 6 -33.40 -6.17 2.64
N ASP G 7 -33.66 -4.98 3.17
CA ASP G 7 -34.91 -4.36 2.98
C ASP G 7 -35.07 -3.90 1.52
N LEU G 8 -33.96 -3.45 0.91
CA LEU G 8 -34.00 -3.09 -0.52
C LEU G 8 -34.40 -4.31 -1.35
N CYS G 9 -33.84 -5.47 -1.04
N CYS G 9 -33.80 -5.46 -1.04
CA CYS G 9 -34.05 -6.65 -1.86
CA CYS G 9 -34.04 -6.71 -1.79
C CYS G 9 -35.53 -7.08 -1.76
C CYS G 9 -35.53 -6.96 -1.80
N ALA G 10 -36.19 -6.79 -0.64
CA ALA G 10 -37.62 -7.16 -0.43
C ALA G 10 -38.55 -6.25 -1.25
N GLU G 11 -38.06 -5.16 -1.86
CA GLU G 11 -38.89 -4.25 -2.65
C GLU G 11 -39.06 -4.74 -4.09
N TYR G 12 -38.52 -5.93 -4.41
CA TYR G 12 -38.51 -6.44 -5.79
C TYR G 12 -39.01 -7.88 -5.82
N HIS G 13 -39.65 -8.27 -6.93
CA HIS G 13 -39.96 -9.67 -7.14
C HIS G 13 -38.73 -10.42 -7.66
N ASN G 14 -38.69 -11.73 -7.39
CA ASN G 14 -37.70 -12.65 -7.99
C ASN G 14 -36.29 -12.31 -7.52
N THR G 15 -36.17 -11.90 -6.25
CA THR G 15 -34.86 -11.56 -5.72
C THR G 15 -34.62 -12.34 -4.44
N GLN G 16 -33.34 -12.45 -4.12
CA GLN G 16 -32.95 -13.00 -2.83
C GLN G 16 -31.61 -12.42 -2.41
N ILE G 17 -31.34 -12.54 -1.14
CA ILE G 17 -30.03 -12.20 -0.55
C ILE G 17 -29.13 -13.44 -0.53
N HIS G 18 -27.87 -13.26 -0.90
CA HIS G 18 -26.78 -14.21 -0.60
C HIS G 18 -25.82 -13.58 0.40
N THR G 19 -25.50 -14.31 1.48
CA THR G 19 -24.54 -13.80 2.43
C THR G 19 -23.19 -14.46 2.14
N LEU G 20 -22.17 -13.72 1.74
CA LEU G 20 -20.89 -14.29 1.31
C LEU G 20 -19.86 -14.10 2.43
N ASN G 21 -19.82 -12.90 3.05
CA ASN G 21 -18.82 -12.56 4.02
C ASN G 21 -17.44 -13.05 3.55
N ASP G 22 -17.09 -12.67 2.33
CA ASP G 22 -15.84 -13.13 1.70
C ASP G 22 -15.48 -12.18 0.57
N LYS G 23 -14.17 -12.17 0.28
CA LYS G 23 -13.61 -11.46 -0.83
CA LYS G 23 -13.67 -11.43 -0.85
C LYS G 23 -13.98 -12.17 -2.15
N ILE G 24 -13.96 -11.44 -3.26
CA ILE G 24 -14.23 -11.98 -4.58
C ILE G 24 -13.04 -12.85 -5.00
N PHE G 25 -13.30 -14.09 -5.40
CA PHE G 25 -12.25 -15.04 -5.84
C PHE G 25 -11.77 -14.75 -7.27
N SER G 26 -12.73 -14.47 -8.17
CA SER G 26 -12.36 -14.17 -9.53
C SER G 26 -13.28 -13.08 -10.10
N TYR G 27 -12.69 -12.28 -11.02
CA TYR G 27 -13.35 -11.15 -11.72
C TYR G 27 -13.13 -11.32 -13.22
N THR G 28 -14.23 -11.40 -13.96
CA THR G 28 -14.18 -11.56 -15.40
C THR G 28 -14.97 -10.42 -16.05
N GLU G 29 -14.47 -9.90 -17.20
CA GLU G 29 -15.15 -8.87 -17.90
C GLU G 29 -14.99 -9.08 -19.41
N SER G 30 -16.07 -8.76 -20.14
CA SER G 30 -16.12 -8.96 -21.55
C SER G 30 -16.55 -7.69 -22.29
N LEU G 31 -15.91 -7.47 -23.43
CA LEU G 31 -16.33 -6.45 -24.40
C LEU G 31 -16.94 -7.06 -25.66
N ALA G 32 -17.18 -8.39 -25.70
CA ALA G 32 -17.73 -9.00 -26.88
C ALA G 32 -19.17 -8.54 -27.10
N GLY G 33 -19.56 -8.35 -28.34
CA GLY G 33 -20.86 -7.77 -28.64
C GLY G 33 -22.01 -8.70 -28.25
N LYS G 34 -22.98 -8.13 -27.56
CA LYS G 34 -24.13 -8.81 -26.88
C LYS G 34 -23.71 -9.58 -25.63
N ARG G 35 -22.44 -9.52 -25.21
CA ARG G 35 -22.00 -10.07 -23.92
C ARG G 35 -21.06 -9.06 -23.25
N GLU G 36 -21.51 -7.81 -23.22
CA GLU G 36 -20.78 -6.73 -22.49
C GLU G 36 -21.22 -6.81 -21.04
N MET G 37 -20.48 -7.61 -20.24
CA MET G 37 -20.96 -8.05 -18.94
C MET G 37 -19.73 -8.26 -18.06
N ALA G 38 -19.99 -8.42 -16.75
CA ALA G 38 -19.00 -8.90 -15.77
C ALA G 38 -19.52 -10.18 -15.08
N ILE G 39 -18.59 -11.03 -14.65
CA ILE G 39 -18.95 -12.23 -13.93
C ILE G 39 -18.00 -12.34 -12.74
N ILE G 40 -18.52 -12.60 -11.55
CA ILE G 40 -17.66 -12.74 -10.34
C ILE G 40 -17.95 -14.11 -9.74
N THR G 41 -16.92 -14.65 -9.08
CA THR G 41 -17.09 -15.87 -8.36
C THR G 41 -16.49 -15.76 -6.98
N PHE G 42 -16.97 -16.63 -6.09
CA PHE G 42 -16.44 -16.72 -4.74
C PHE G 42 -15.80 -18.10 -4.59
N LYS G 43 -15.00 -18.30 -3.53
CA LYS G 43 -14.23 -19.54 -3.34
C LYS G 43 -15.16 -20.74 -3.22
N ASN G 44 -16.37 -20.52 -2.73
CA ASN G 44 -17.35 -21.60 -2.49
C ASN G 44 -18.11 -21.95 -3.79
N GLY G 45 -17.67 -21.43 -4.93
CA GLY G 45 -18.25 -21.79 -6.21
C GLY G 45 -19.36 -20.84 -6.66
N ALA G 46 -19.90 -19.99 -5.77
CA ALA G 46 -21.04 -19.12 -6.12
C ALA G 46 -20.63 -18.13 -7.23
N THR G 47 -21.49 -17.99 -8.24
CA THR G 47 -21.18 -17.25 -9.48
C THR G 47 -22.31 -16.27 -9.76
N PHE G 48 -21.94 -15.04 -10.07
CA PHE G 48 -22.89 -13.89 -10.23
C PHE G 48 -22.51 -13.10 -11.48
N GLN G 49 -23.53 -12.48 -12.13
CA GLN G 49 -23.27 -11.64 -13.25
C GLN G 49 -23.75 -10.22 -12.96
N VAL G 50 -23.16 -9.25 -13.68
CA VAL G 50 -23.82 -7.98 -14.00
C VAL G 50 -24.32 -8.14 -15.45
N GLU G 51 -25.65 -8.07 -15.59
CA GLU G 51 -26.32 -8.30 -16.85
C GLU G 51 -25.82 -7.33 -17.90
N VAL G 52 -25.85 -7.80 -19.14
CA VAL G 52 -25.72 -6.98 -20.27
C VAL G 52 -26.85 -5.94 -20.22
N PRO G 53 -26.61 -4.64 -20.46
CA PRO G 53 -27.72 -3.68 -20.51
C PRO G 53 -28.72 -4.08 -21.61
N GLY G 54 -30.00 -3.96 -21.30
CA GLY G 54 -31.00 -4.26 -22.27
C GLY G 54 -32.36 -3.66 -21.91
N SER G 55 -33.38 -4.12 -22.64
CA SER G 55 -34.72 -3.54 -22.58
C SER G 55 -35.37 -3.73 -21.20
N GLN G 56 -34.87 -4.67 -20.40
CA GLN G 56 -35.31 -4.87 -19.00
C GLN G 56 -34.87 -3.69 -18.11
N HIS G 57 -33.92 -2.88 -18.57
CA HIS G 57 -33.39 -1.82 -17.74
C HIS G 57 -34.01 -0.48 -18.13
N ILE G 58 -34.34 0.35 -17.14
CA ILE G 58 -34.81 1.69 -17.41
C ILE G 58 -33.62 2.64 -17.49
N ASP G 59 -33.90 3.84 -18.00
CA ASP G 59 -32.81 4.74 -18.32
C ASP G 59 -31.93 5.05 -17.09
N SER G 60 -32.53 5.20 -15.92
CA SER G 60 -31.79 5.54 -14.71
C SER G 60 -30.81 4.43 -14.29
N GLN G 61 -30.98 3.20 -14.79
CA GLN G 61 -30.11 2.09 -14.43
C GLN G 61 -28.81 2.03 -15.27
N LYS G 62 -28.75 2.73 -16.41
CA LYS G 62 -27.61 2.55 -17.29
CA LYS G 62 -27.62 2.73 -17.36
C LYS G 62 -26.32 2.99 -16.60
N LYS G 63 -26.29 4.17 -15.98
CA LYS G 63 -25.13 4.62 -15.21
C LYS G 63 -24.86 3.68 -14.01
N ALA G 64 -25.93 3.18 -13.37
CA ALA G 64 -25.77 2.34 -12.15
C ALA G 64 -25.13 0.99 -12.49
N ILE G 65 -25.43 0.46 -13.68
CA ILE G 65 -24.85 -0.77 -14.17
C ILE G 65 -23.34 -0.54 -14.36
N GLU G 66 -22.96 0.61 -14.95
CA GLU G 66 -21.55 0.89 -15.19
C GLU G 66 -20.86 1.09 -13.83
N ARG G 67 -21.54 1.74 -12.87
CA ARG G 67 -20.93 1.90 -11.57
C ARG G 67 -20.70 0.54 -10.89
N MET G 68 -21.66 -0.36 -11.01
CA MET G 68 -21.51 -1.63 -10.34
C MET G 68 -20.31 -2.42 -10.87
N LYS G 69 -20.09 -2.39 -12.18
CA LYS G 69 -18.90 -3.09 -12.72
C LYS G 69 -17.62 -2.43 -12.19
N ASP G 70 -17.65 -1.11 -12.02
CA ASP G 70 -16.48 -0.44 -11.47
C ASP G 70 -16.27 -0.85 -9.99
N THR G 71 -17.36 -0.97 -9.24
CA THR G 71 -17.32 -1.35 -7.85
C THR G 71 -16.75 -2.78 -7.74
N LEU G 72 -17.18 -3.69 -8.57
CA LEU G 72 -16.75 -5.06 -8.43
C LEU G 72 -15.26 -5.22 -8.79
N ARG G 73 -14.79 -4.45 -9.78
CA ARG G 73 -13.36 -4.52 -10.19
C ARG G 73 -12.50 -4.02 -9.04
N ILE G 74 -12.85 -2.88 -8.45
CA ILE G 74 -11.99 -2.33 -7.39
CA ILE G 74 -12.03 -2.30 -7.38
C ILE G 74 -12.15 -3.16 -6.12
N ALA G 75 -13.34 -3.73 -5.86
CA ALA G 75 -13.45 -4.63 -4.66
C ALA G 75 -12.52 -5.83 -4.84
N TYR G 76 -12.56 -6.43 -6.03
CA TYR G 76 -11.69 -7.55 -6.33
C TYR G 76 -10.22 -7.20 -6.09
N LEU G 77 -9.78 -6.06 -6.64
CA LEU G 77 -8.35 -5.68 -6.56
C LEU G 77 -7.92 -5.24 -5.15
N THR G 78 -8.85 -4.81 -4.27
CA THR G 78 -8.51 -4.40 -2.91
CA THR G 78 -8.59 -4.38 -2.92
C THR G 78 -8.77 -5.55 -1.94
N GLU G 79 -9.12 -6.74 -2.45
CA GLU G 79 -9.55 -7.91 -1.58
C GLU G 79 -10.61 -7.46 -0.56
N ALA G 80 -11.54 -6.59 -0.98
CA ALA G 80 -12.60 -6.13 -0.05
C ALA G 80 -13.57 -7.27 0.27
N LYS G 81 -13.88 -7.44 1.54
CA LYS G 81 -14.91 -8.38 1.99
CA LYS G 81 -14.88 -8.41 1.90
CA LYS G 81 -14.90 -8.39 1.96
C LYS G 81 -16.27 -7.93 1.48
N VAL G 82 -16.97 -8.80 0.72
CA VAL G 82 -18.33 -8.60 0.35
C VAL G 82 -19.22 -9.24 1.42
N GLU G 83 -20.16 -8.46 1.99
CA GLU G 83 -21.05 -8.97 3.04
CA GLU G 83 -21.05 -8.96 3.05
C GLU G 83 -22.20 -9.74 2.37
N LYS G 84 -23.05 -9.00 1.63
CA LYS G 84 -24.24 -9.55 0.97
C LYS G 84 -24.30 -9.08 -0.48
N LEU G 85 -24.94 -9.92 -1.31
CA LEU G 85 -25.44 -9.54 -2.59
C LEU G 85 -26.95 -9.75 -2.59
N CYS G 86 -27.66 -8.77 -3.19
CA CYS G 86 -29.06 -8.93 -3.64
C CYS G 86 -29.06 -9.29 -5.14
N VAL G 87 -29.69 -10.41 -5.51
CA VAL G 87 -29.64 -10.87 -6.90
C VAL G 87 -31.05 -11.20 -7.37
N TRP G 88 -31.23 -11.08 -8.68
CA TRP G 88 -32.37 -11.65 -9.38
C TRP G 88 -32.04 -13.14 -9.61
N ASN G 89 -32.90 -14.00 -9.09
CA ASN G 89 -32.69 -15.48 -9.14
C ASN G 89 -33.46 -16.14 -10.29
N ASN G 90 -34.07 -15.31 -11.16
N ASN G 90 -34.12 -15.41 -11.20
CA ASN G 90 -34.75 -15.65 -12.45
CA ASN G 90 -34.67 -16.10 -12.36
C ASN G 90 -33.79 -15.47 -13.63
C ASN G 90 -33.57 -16.22 -13.42
N LYS G 91 -32.49 -15.40 -13.32
CA LYS G 91 -31.46 -15.37 -14.33
C LYS G 91 -30.34 -16.34 -13.93
N THR G 92 -29.57 -16.79 -14.93
CA THR G 92 -28.45 -17.73 -14.68
C THR G 92 -27.22 -17.21 -15.44
N PRO G 93 -26.11 -16.90 -14.76
CA PRO G 93 -25.95 -16.79 -13.31
C PRO G 93 -26.93 -15.80 -12.66
N HIS G 94 -27.15 -15.94 -11.34
CA HIS G 94 -27.93 -14.91 -10.66
C HIS G 94 -27.35 -13.53 -10.96
N ALA G 95 -28.26 -12.56 -11.17
CA ALA G 95 -27.87 -11.20 -11.63
C ALA G 95 -27.87 -10.23 -10.45
N ILE G 96 -26.76 -9.50 -10.26
CA ILE G 96 -26.60 -8.58 -9.17
C ILE G 96 -27.48 -7.32 -9.32
N ALA G 97 -28.24 -7.07 -8.25
CA ALA G 97 -29.02 -5.80 -8.10
C ALA G 97 -28.33 -4.90 -7.09
N ALA G 98 -27.67 -5.47 -6.09
CA ALA G 98 -27.01 -4.62 -5.06
C ALA G 98 -25.96 -5.43 -4.31
N ILE G 99 -24.98 -4.71 -3.76
CA ILE G 99 -23.88 -5.21 -3.04
C ILE G 99 -23.72 -4.43 -1.74
N SER G 100 -23.36 -5.12 -0.66
CA SER G 100 -22.93 -4.47 0.59
C SER G 100 -21.55 -5.02 0.98
N MET G 101 -20.68 -4.14 1.44
CA MET G 101 -19.31 -4.45 1.87
C MET G 101 -19.13 -3.95 3.31
N ALA G 102 -18.59 -4.80 4.17
CA ALA G 102 -18.34 -4.51 5.56
C ALA G 102 -17.23 -5.45 6.04
N ASN G 103 -16.40 -5.02 6.97
CA ASN G 103 -15.33 -5.93 7.54
C ASN G 103 -14.85 -5.41 8.90
N THR H 1 -19.71 32.38 -0.96
CA THR H 1 -19.25 30.98 -1.09
C THR H 1 -18.73 30.58 0.28
N PRO H 2 -19.18 29.45 0.85
CA PRO H 2 -18.69 29.06 2.17
C PRO H 2 -17.24 28.54 2.11
N GLN H 3 -16.55 28.58 3.26
CA GLN H 3 -15.16 28.17 3.40
C GLN H 3 -15.04 26.77 4.03
N ASN H 4 -16.14 26.21 4.56
CA ASN H 4 -16.10 24.90 5.25
C ASN H 4 -17.51 24.30 5.25
N ILE H 5 -17.59 23.02 5.61
CA ILE H 5 -18.86 22.28 5.55
C ILE H 5 -19.89 22.81 6.55
N THR H 6 -19.52 23.28 7.73
CA THR H 6 -20.48 23.80 8.71
C THR H 6 -21.22 25.04 8.18
N ASP H 7 -20.46 25.96 7.54
CA ASP H 7 -21.04 27.15 6.90
C ASP H 7 -21.88 26.78 5.66
N LEU H 8 -21.42 25.80 4.89
CA LEU H 8 -22.26 25.33 3.75
C LEU H 8 -23.62 24.80 4.22
N CYS H 9 -23.61 23.96 5.26
N CYS H 9 -23.62 23.90 5.23
CA CYS H 9 -24.82 23.34 5.77
CA CYS H 9 -24.83 23.35 5.85
C CYS H 9 -25.83 24.39 6.27
C CYS H 9 -25.83 24.43 6.21
N ALA H 10 -25.34 25.52 6.82
CA ALA H 10 -26.21 26.59 7.35
C ALA H 10 -26.85 27.40 6.20
N GLU H 11 -26.51 27.10 4.93
CA GLU H 11 -27.08 27.80 3.75
C GLU H 11 -28.34 27.11 3.21
N TYR H 12 -28.83 26.10 3.91
CA TYR H 12 -29.95 25.26 3.51
C TYR H 12 -30.89 25.01 4.69
N HIS H 13 -32.17 24.87 4.41
CA HIS H 13 -33.15 24.51 5.41
C HIS H 13 -33.12 23.00 5.58
N ASN H 14 -33.47 22.53 6.78
CA ASN H 14 -33.72 21.11 7.02
C ASN H 14 -32.39 20.34 6.92
N THR H 15 -31.25 20.93 7.31
CA THR H 15 -30.00 20.20 7.29
C THR H 15 -29.41 20.26 8.69
N GLN H 16 -28.47 19.33 8.93
CA GLN H 16 -27.68 19.30 10.15
C GLN H 16 -26.32 18.67 9.85
N ILE H 17 -25.36 19.02 10.70
CA ILE H 17 -24.05 18.40 10.68
C ILE H 17 -24.04 17.17 11.60
N HIS H 18 -23.47 16.07 11.14
CA HIS H 18 -23.13 14.99 11.99
C HIS H 18 -21.61 14.91 12.03
N THR H 19 -21.04 14.87 13.22
CA THR H 19 -19.61 14.76 13.34
C THR H 19 -19.29 13.30 13.67
N LEU H 20 -18.70 12.56 12.74
CA LEU H 20 -18.38 11.14 12.93
C LEU H 20 -16.94 10.94 13.42
N ASN H 21 -15.98 11.65 12.79
CA ASN H 21 -14.56 11.39 13.05
C ASN H 21 -14.24 9.88 13.05
N ASP H 22 -14.72 9.19 12.04
CA ASP H 22 -14.53 7.73 11.93
C ASP H 22 -14.56 7.32 10.47
N LYS H 23 -14.06 6.13 10.18
CA LYS H 23 -14.18 5.54 8.86
CA LYS H 23 -14.18 5.53 8.85
C LYS H 23 -15.59 4.99 8.67
N ILE H 24 -15.93 4.77 7.42
CA ILE H 24 -17.24 4.18 7.06
C ILE H 24 -17.20 2.72 7.42
N PHE H 25 -18.24 2.22 8.12
CA PHE H 25 -18.28 0.82 8.55
C PHE H 25 -18.79 -0.10 7.42
N SER H 26 -19.84 0.34 6.73
CA SER H 26 -20.40 -0.43 5.65
C SER H 26 -20.80 0.49 4.48
N TYR H 27 -20.61 -0.03 3.26
CA TYR H 27 -20.92 0.62 2.03
C TYR H 27 -21.82 -0.30 1.16
N THR H 28 -22.99 0.24 0.79
CA THR H 28 -23.97 -0.50 0.04
C THR H 28 -24.33 0.30 -1.22
N GLU H 29 -24.48 -0.41 -2.35
N GLU H 29 -24.34 -0.32 -2.41
CA GLU H 29 -24.73 0.20 -3.67
CA GLU H 29 -24.92 0.42 -3.58
C GLU H 29 -25.79 -0.61 -4.43
C GLU H 29 -25.77 -0.54 -4.41
N SER H 30 -26.74 0.08 -5.09
CA SER H 30 -27.77 -0.63 -5.77
C SER H 30 -27.88 -0.14 -7.22
N LEU H 31 -28.13 -1.03 -8.16
CA LEU H 31 -28.50 -0.64 -9.54
C LEU H 31 -29.96 -1.00 -9.83
N ALA H 32 -30.69 -1.51 -8.81
CA ALA H 32 -32.13 -1.84 -8.99
C ALA H 32 -32.97 -0.61 -9.35
N GLY H 33 -33.90 -0.79 -10.29
CA GLY H 33 -34.62 0.35 -10.88
C GLY H 33 -35.46 1.08 -9.82
N LYS H 34 -35.32 2.41 -9.75
CA LYS H 34 -35.99 3.30 -8.79
C LYS H 34 -35.29 3.27 -7.42
N ARG H 35 -34.19 2.52 -7.31
CA ARG H 35 -33.42 2.46 -6.10
C ARG H 35 -31.93 2.50 -6.44
N GLU H 36 -31.57 3.39 -7.36
CA GLU H 36 -30.18 3.55 -7.82
C GLU H 36 -29.52 4.53 -6.84
N MET H 37 -28.97 3.99 -5.76
CA MET H 37 -28.60 4.76 -4.60
C MET H 37 -27.40 4.09 -3.91
N ALA H 38 -26.82 4.79 -2.93
CA ALA H 38 -25.86 4.22 -2.05
C ALA H 38 -26.31 4.47 -0.59
N ILE H 39 -25.93 3.55 0.32
CA ILE H 39 -26.19 3.64 1.76
C ILE H 39 -24.89 3.36 2.47
N ILE H 40 -24.54 4.21 3.45
CA ILE H 40 -23.35 4.01 4.27
C ILE H 40 -23.78 3.93 5.73
N THR H 41 -23.01 3.15 6.51
CA THR H 41 -23.21 3.13 7.94
C THR H 41 -21.89 3.30 8.64
N PHE H 42 -21.98 3.76 9.90
CA PHE H 42 -20.89 3.92 10.83
C PHE H 42 -21.13 3.00 12.01
N LYS H 43 -20.06 2.71 12.77
CA LYS H 43 -20.22 1.64 13.74
C LYS H 43 -21.06 2.12 14.94
N ASN H 44 -21.22 3.42 15.12
CA ASN H 44 -22.11 3.98 16.15
C ASN H 44 -23.61 3.74 15.81
N GLY H 45 -23.88 3.17 14.63
CA GLY H 45 -25.20 2.86 14.12
C GLY H 45 -25.80 3.85 13.12
N ALA H 46 -25.21 5.03 12.95
CA ALA H 46 -25.72 6.03 12.03
C ALA H 46 -25.69 5.49 10.59
N THR H 47 -26.80 5.74 9.85
CA THR H 47 -27.03 5.30 8.49
C THR H 47 -27.41 6.52 7.65
N PHE H 48 -26.81 6.61 6.47
CA PHE H 48 -27.01 7.75 5.59
C PHE H 48 -27.18 7.26 4.14
N GLN H 49 -27.94 8.00 3.31
CA GLN H 49 -28.12 7.62 1.94
C GLN H 49 -27.59 8.73 1.04
N VAL H 50 -27.25 8.35 -0.18
CA VAL H 50 -27.23 9.28 -1.35
C VAL H 50 -28.53 8.97 -2.10
N GLU H 51 -29.40 9.97 -2.10
CA GLU H 51 -30.73 9.85 -2.66
C GLU H 51 -30.68 9.45 -4.14
N VAL H 52 -31.68 8.67 -4.52
CA VAL H 52 -31.95 8.44 -5.89
C VAL H 52 -32.14 9.79 -6.60
N PRO H 53 -31.56 10.05 -7.78
CA PRO H 53 -31.79 11.31 -8.46
C PRO H 53 -33.29 11.46 -8.75
N GLY H 54 -33.87 12.64 -8.47
CA GLY H 54 -35.31 12.87 -8.70
C GLY H 54 -35.65 14.34 -8.93
N SER H 55 -36.93 14.63 -8.84
CA SER H 55 -37.42 16.00 -9.17
C SER H 55 -36.95 17.05 -8.14
N GLN H 56 -36.52 16.60 -6.97
CA GLN H 56 -35.99 17.46 -5.91
C GLN H 56 -34.62 17.99 -6.36
N HIS H 57 -33.98 17.36 -7.36
CA HIS H 57 -32.62 17.73 -7.80
C HIS H 57 -32.68 18.63 -9.03
N ILE H 58 -31.83 19.66 -9.04
CA ILE H 58 -31.65 20.47 -10.23
C ILE H 58 -30.54 19.82 -11.07
N ASP H 59 -30.47 20.21 -12.32
CA ASP H 59 -29.68 19.51 -13.29
C ASP H 59 -28.20 19.61 -12.95
N SER H 60 -27.79 20.69 -12.31
CA SER H 60 -26.37 20.84 -11.87
C SER H 60 -25.98 19.83 -10.79
N GLN H 61 -26.93 19.22 -10.07
CA GLN H 61 -26.63 18.25 -9.04
C GLN H 61 -26.37 16.84 -9.63
N LYS H 62 -26.72 16.58 -10.90
CA LYS H 62 -26.68 15.19 -11.48
CA LYS H 62 -26.71 15.15 -11.34
C LYS H 62 -25.26 14.60 -11.36
N LYS H 63 -24.29 15.37 -11.85
CA LYS H 63 -22.87 14.96 -11.87
CA LYS H 63 -22.90 14.90 -11.87
C LYS H 63 -22.36 14.87 -10.42
N ALA H 64 -22.85 15.78 -9.55
CA ALA H 64 -22.33 15.82 -8.19
C ALA H 64 -22.85 14.63 -7.37
N ILE H 65 -24.10 14.18 -7.64
CA ILE H 65 -24.62 12.94 -7.01
CA ILE H 65 -24.62 12.94 -7.02
C ILE H 65 -23.70 11.75 -7.38
N GLU H 66 -23.39 11.63 -8.67
CA GLU H 66 -22.53 10.50 -9.12
C GLU H 66 -21.13 10.63 -8.46
N ARG H 67 -20.56 11.85 -8.39
CA ARG H 67 -19.22 12.03 -7.74
C ARG H 67 -19.30 11.61 -6.28
N MET H 68 -20.36 11.98 -5.58
CA MET H 68 -20.49 11.65 -4.14
C MET H 68 -20.46 10.13 -3.96
N LYS H 69 -21.21 9.39 -4.80
CA LYS H 69 -21.13 7.94 -4.63
C LYS H 69 -19.70 7.45 -4.87
N ASP H 70 -19.02 8.01 -5.85
CA ASP H 70 -17.58 7.64 -6.12
C ASP H 70 -16.74 7.89 -4.86
N THR H 71 -16.92 9.08 -4.27
CA THR H 71 -16.15 9.51 -3.10
C THR H 71 -16.41 8.55 -1.95
N LEU H 72 -17.66 8.20 -1.73
CA LEU H 72 -17.95 7.30 -0.58
C LEU H 72 -17.32 5.91 -0.78
N ARG H 73 -17.40 5.39 -2.01
CA ARG H 73 -16.80 4.09 -2.32
C ARG H 73 -15.30 4.10 -2.06
N ILE H 74 -14.55 5.14 -2.52
CA ILE H 74 -13.10 5.14 -2.36
CA ILE H 74 -13.11 5.15 -2.36
C ILE H 74 -12.78 5.48 -0.90
N ALA H 75 -13.64 6.30 -0.21
CA ALA H 75 -13.42 6.51 1.21
C ALA H 75 -13.54 5.20 1.98
N TYR H 76 -14.56 4.44 1.64
CA TYR H 76 -14.78 3.19 2.37
C TYR H 76 -13.60 2.24 2.15
N LEU H 77 -13.13 2.14 0.89
CA LEU H 77 -12.06 1.16 0.55
C LEU H 77 -10.65 1.57 1.02
N THR H 78 -10.43 2.87 1.31
CA THR H 78 -9.19 3.34 1.90
C THR H 78 -9.26 3.55 3.42
N GLU H 79 -10.42 3.30 4.01
CA GLU H 79 -10.64 3.53 5.45
C GLU H 79 -10.35 5.01 5.78
N ALA H 80 -10.72 5.89 4.86
CA ALA H 80 -10.49 7.33 5.14
C ALA H 80 -11.43 7.81 6.25
N LYS H 81 -10.90 8.61 7.16
N LYS H 81 -10.89 8.59 7.18
CA LYS H 81 -11.70 9.13 8.24
CA LYS H 81 -11.66 9.22 8.25
C LYS H 81 -12.62 10.24 7.72
C LYS H 81 -12.64 10.23 7.63
N VAL H 82 -13.91 10.05 7.99
CA VAL H 82 -14.93 11.04 7.68
C VAL H 82 -15.02 11.98 8.88
N GLU H 83 -14.87 13.29 8.63
N GLU H 83 -14.85 13.29 8.66
CA GLU H 83 -14.84 14.27 9.72
CA GLU H 83 -14.88 14.22 9.82
C GLU H 83 -16.28 14.71 10.15
C GLU H 83 -16.35 14.65 10.17
N LYS H 84 -17.02 15.11 9.02
CA LYS H 84 -18.42 15.53 9.11
C LYS H 84 -19.19 15.17 7.83
N LEU H 85 -20.49 14.92 8.02
CA LEU H 85 -21.44 14.90 6.97
C LEU H 85 -22.45 16.03 7.21
N CYS H 86 -22.79 16.75 6.14
CA CYS H 86 -23.95 17.60 6.14
C CYS H 86 -25.09 16.78 5.53
N VAL H 87 -26.24 16.69 6.22
CA VAL H 87 -27.37 15.89 5.73
C VAL H 87 -28.69 16.64 5.78
N TRP H 88 -29.61 16.24 4.91
CA TRP H 88 -31.00 16.60 5.02
C TRP H 88 -31.67 15.65 6.01
N ASN H 89 -32.12 16.24 7.10
CA ASN H 89 -32.74 15.50 8.17
C ASN H 89 -34.26 15.30 7.93
N ASN H 90 -34.82 15.65 6.76
CA ASN H 90 -36.27 15.41 6.44
C ASN H 90 -36.41 14.16 5.55
N LYS H 91 -35.40 13.32 5.54
CA LYS H 91 -35.36 12.13 4.75
C LYS H 91 -34.85 10.98 5.65
N THR H 92 -35.32 9.76 5.39
CA THR H 92 -34.95 8.59 6.18
C THR H 92 -34.49 7.50 5.24
N PRO H 93 -33.26 7.00 5.41
CA PRO H 93 -32.16 7.63 6.15
C PRO H 93 -31.84 9.09 5.79
N HIS H 94 -31.16 9.78 6.71
CA HIS H 94 -30.64 11.12 6.43
C HIS H 94 -29.90 11.10 5.09
N ALA H 95 -30.14 12.16 4.30
CA ALA H 95 -29.67 12.25 2.91
C ALA H 95 -28.41 13.15 2.88
N ILE H 96 -27.34 12.59 2.39
CA ILE H 96 -26.02 13.34 2.33
C ILE H 96 -26.09 14.49 1.32
N ALA H 97 -25.68 15.66 1.83
CA ALA H 97 -25.47 16.87 1.04
C ALA H 97 -23.99 17.15 0.84
N ALA H 98 -23.14 16.84 1.82
CA ALA H 98 -21.74 17.12 1.71
C ALA H 98 -20.98 16.29 2.72
N ILE H 99 -19.66 16.14 2.44
CA ILE H 99 -18.77 15.35 3.26
C ILE H 99 -17.46 16.14 3.41
N SER H 100 -16.84 16.03 4.60
N SER H 100 -16.83 15.99 4.58
CA SER H 100 -15.47 16.53 4.84
CA SER H 100 -15.52 16.51 4.89
C SER H 100 -14.63 15.37 5.41
C SER H 100 -14.67 15.32 5.34
N MET H 101 -13.39 15.30 4.94
CA MET H 101 -12.43 14.33 5.38
C MET H 101 -11.14 15.04 5.83
N ALA H 102 -10.57 14.61 6.97
CA ALA H 102 -9.27 15.07 7.51
C ALA H 102 -8.47 13.89 8.11
N ASN H 103 -7.13 14.00 8.21
CA ASN H 103 -6.27 12.88 8.78
C ASN H 103 -6.72 12.55 10.22
N THR I 1 2.86 27.73 -25.79
CA THR I 1 2.35 26.85 -24.78
C THR I 1 3.28 26.93 -23.59
N PRO I 2 2.73 27.12 -22.36
CA PRO I 2 3.57 27.24 -21.18
C PRO I 2 4.23 25.90 -20.87
N GLN I 3 5.44 25.92 -20.30
CA GLN I 3 6.16 24.69 -19.91
C GLN I 3 6.00 24.37 -18.41
N ASN I 4 5.36 25.26 -17.65
CA ASN I 4 5.18 25.03 -16.20
C ASN I 4 4.03 25.88 -15.67
N ILE I 5 3.65 25.59 -14.43
CA ILE I 5 2.47 26.22 -13.85
C ILE I 5 2.71 27.73 -13.67
N THR I 6 3.94 28.19 -13.42
CA THR I 6 4.13 29.60 -13.15
C THR I 6 3.87 30.41 -14.44
N ASP I 7 4.39 29.89 -15.56
CA ASP I 7 4.23 30.52 -16.84
C ASP I 7 2.76 30.45 -17.28
N LEU I 8 2.05 29.36 -16.96
CA LEU I 8 0.65 29.25 -17.32
CA LEU I 8 0.64 29.22 -17.27
C LEU I 8 -0.15 30.31 -16.53
N CYS I 9 0.16 30.50 -15.25
N CYS I 9 0.11 30.43 -15.22
CA CYS I 9 -0.59 31.41 -14.37
CA CYS I 9 -0.53 31.45 -14.32
C CYS I 9 -0.40 32.89 -14.81
C CYS I 9 -0.46 32.84 -14.96
N ALA I 10 0.75 33.18 -15.43
CA ALA I 10 1.05 34.48 -16.04
C ALA I 10 0.32 34.75 -17.36
N GLU I 11 -0.50 33.83 -17.91
CA GLU I 11 -1.31 34.05 -19.12
C GLU I 11 -2.75 34.51 -18.78
N TYR I 12 -3.04 34.80 -17.51
CA TYR I 12 -4.37 35.17 -17.04
C TYR I 12 -4.28 36.41 -16.16
N HIS I 13 -5.32 37.24 -16.15
CA HIS I 13 -5.45 38.31 -15.19
C HIS I 13 -5.96 37.73 -13.87
N ASN I 14 -5.69 38.43 -12.77
CA ASN I 14 -6.36 38.15 -11.51
C ASN I 14 -5.91 36.78 -10.95
N THR I 15 -4.67 36.34 -11.27
CA THR I 15 -4.16 35.05 -10.83
C THR I 15 -2.89 35.24 -10.04
N GLN I 16 -2.63 34.29 -9.13
CA GLN I 16 -1.37 34.26 -8.42
C GLN I 16 -1.02 32.81 -8.11
N ILE I 17 0.27 32.63 -7.87
CA ILE I 17 0.79 31.32 -7.45
C ILE I 17 0.88 31.31 -5.95
N HIS I 18 0.39 30.21 -5.32
CA HIS I 18 0.67 29.87 -3.97
C HIS I 18 1.61 28.65 -4.00
N THR I 19 2.73 28.79 -3.29
CA THR I 19 3.66 27.68 -3.13
C THR I 19 3.34 27.01 -1.78
N LEU I 20 2.83 25.80 -1.77
CA LEU I 20 2.39 25.11 -0.52
C LEU I 20 3.48 24.12 -0.08
N ASN I 21 3.98 23.35 -1.05
CA ASN I 21 4.91 22.25 -0.76
C ASN I 21 4.40 21.42 0.44
N ASP I 22 3.15 20.95 0.38
CA ASP I 22 2.54 20.24 1.48
C ASP I 22 1.41 19.37 0.95
N LYS I 23 1.10 18.29 1.66
N LYS I 23 1.09 18.27 1.63
CA LYS I 23 -0.12 17.53 1.36
CA LYS I 23 -0.10 17.16 1.64
CA LYS I 23 -0.12 17.54 1.29
C LYS I 23 -1.38 18.36 1.68
C LYS I 23 -1.37 18.28 1.77
N ILE I 24 -2.50 17.93 1.15
CA ILE I 24 -3.79 18.51 1.47
C ILE I 24 -4.24 18.04 2.85
N PHE I 25 -4.62 19.00 3.71
CA PHE I 25 -5.01 18.76 5.11
C PHE I 25 -6.45 18.26 5.18
N SER I 26 -7.36 18.87 4.39
CA SER I 26 -8.78 18.42 4.41
C SER I 26 -9.37 18.54 3.01
N TYR I 27 -10.36 17.70 2.72
CA TYR I 27 -11.06 17.64 1.43
C TYR I 27 -12.55 17.62 1.75
N THR I 28 -13.26 18.60 1.21
CA THR I 28 -14.74 18.73 1.38
C THR I 28 -15.37 18.77 -0.01
N GLU I 29 -16.48 18.02 -0.19
CA GLU I 29 -17.20 18.09 -1.39
C GLU I 29 -18.70 18.06 -1.12
N SER I 30 -19.43 18.77 -2.00
CA SER I 30 -20.88 19.05 -1.80
C SER I 30 -21.65 18.70 -3.08
N LEU I 31 -22.82 18.02 -2.94
CA LEU I 31 -23.77 17.90 -4.03
C LEU I 31 -24.98 18.86 -3.88
N ALA I 32 -24.96 19.71 -2.86
CA ALA I 32 -26.12 20.60 -2.57
C ALA I 32 -26.29 21.59 -3.73
N GLY I 33 -27.54 21.86 -4.10
CA GLY I 33 -27.86 22.65 -5.27
C GLY I 33 -27.31 24.06 -5.18
N LYS I 34 -26.62 24.48 -6.25
CA LYS I 34 -25.93 25.78 -6.35
C LYS I 34 -24.63 25.81 -5.54
N ARG I 35 -24.24 24.67 -4.92
CA ARG I 35 -22.98 24.56 -4.15
C ARG I 35 -22.26 23.24 -4.49
N GLU I 36 -22.30 22.89 -5.77
CA GLU I 36 -21.73 21.68 -6.28
C GLU I 36 -20.23 21.95 -6.49
N MET I 37 -19.46 21.79 -5.43
CA MET I 37 -18.13 22.34 -5.35
C MET I 37 -17.26 21.43 -4.49
N ALA I 38 -15.94 21.66 -4.57
CA ALA I 38 -14.92 21.07 -3.66
C ALA I 38 -14.18 22.18 -2.94
N ILE I 39 -13.78 21.93 -1.70
CA ILE I 39 -12.96 22.86 -0.94
C ILE I 39 -11.82 22.02 -0.36
N ILE I 40 -10.59 22.53 -0.44
CA ILE I 40 -9.43 21.92 0.23
C ILE I 40 -8.80 22.95 1.16
N THR I 41 -8.16 22.46 2.21
CA THR I 41 -7.35 23.25 3.09
C THR I 41 -5.98 22.60 3.27
N PHE I 42 -5.02 23.45 3.66
CA PHE I 42 -3.68 23.06 4.08
C PHE I 42 -3.51 23.36 5.57
N LYS I 43 -2.49 22.75 6.18
CA LYS I 43 -2.20 22.85 7.61
C LYS I 43 -2.01 24.31 8.03
N ASN I 44 -1.47 25.12 7.14
CA ASN I 44 -1.21 26.51 7.45
C ASN I 44 -2.46 27.40 7.37
N GLY I 45 -3.65 26.85 7.16
CA GLY I 45 -4.94 27.58 7.12
C GLY I 45 -5.40 27.91 5.70
N ALA I 46 -4.51 27.85 4.71
CA ALA I 46 -4.91 28.24 3.34
C ALA I 46 -6.05 27.36 2.83
N THR I 47 -7.02 28.00 2.21
CA THR I 47 -8.25 27.36 1.83
C THR I 47 -8.54 27.72 0.37
N PHE I 48 -8.95 26.74 -0.41
CA PHE I 48 -9.13 26.93 -1.83
C PHE I 48 -10.38 26.23 -2.28
N GLN I 49 -11.01 26.73 -3.37
CA GLN I 49 -12.17 26.05 -3.91
C GLN I 49 -11.92 25.64 -5.36
N VAL I 50 -12.68 24.63 -5.79
CA VAL I 50 -12.97 24.48 -7.23
C VAL I 50 -14.37 25.04 -7.41
N GLU I 51 -14.51 26.07 -8.25
CA GLU I 51 -15.78 26.82 -8.36
C GLU I 51 -16.90 25.92 -8.87
N VAL I 52 -18.09 26.23 -8.38
CA VAL I 52 -19.29 25.78 -9.02
C VAL I 52 -19.25 26.12 -10.49
N PRO I 53 -19.54 25.17 -11.43
CA PRO I 53 -19.59 25.50 -12.86
C PRO I 53 -20.60 26.64 -13.10
N GLY I 54 -20.21 27.67 -13.82
CA GLY I 54 -21.14 28.75 -14.14
C GLY I 54 -20.81 29.44 -15.45
N SER I 55 -21.41 30.61 -15.62
CA SER I 55 -21.39 31.35 -16.87
C SER I 55 -19.98 31.91 -17.15
N GLN I 56 -19.12 31.95 -16.13
CA GLN I 56 -17.68 32.33 -16.25
C GLN I 56 -16.88 31.26 -17.00
N HIS I 57 -17.44 30.07 -17.15
CA HIS I 57 -16.67 28.92 -17.69
C HIS I 57 -17.04 28.65 -19.15
N ILE I 58 -16.06 28.41 -20.03
CA ILE I 58 -16.38 28.01 -21.41
C ILE I 58 -16.57 26.49 -21.46
N ASP I 59 -17.19 25.99 -22.54
CA ASP I 59 -17.56 24.58 -22.61
C ASP I 59 -16.33 23.68 -22.47
N SER I 60 -15.18 24.05 -23.09
CA SER I 60 -13.91 23.27 -22.92
C SER I 60 -13.49 23.14 -21.45
N GLN I 61 -13.97 24.01 -20.54
CA GLN I 61 -13.57 23.89 -19.15
C GLN I 61 -14.41 22.85 -18.35
N LYS I 62 -15.57 22.42 -18.85
CA LYS I 62 -16.49 21.56 -18.05
CA LYS I 62 -16.46 21.61 -18.01
C LYS I 62 -15.77 20.28 -17.60
N LYS I 63 -15.19 19.57 -18.57
CA LYS I 63 -14.50 18.30 -18.28
C LYS I 63 -13.32 18.53 -17.33
N ALA I 64 -12.64 19.66 -17.51
CA ALA I 64 -11.42 19.96 -16.76
C ALA I 64 -11.76 20.27 -15.28
N ILE I 65 -12.92 20.91 -15.06
CA ILE I 65 -13.41 21.19 -13.69
C ILE I 65 -13.67 19.84 -12.97
N GLU I 66 -14.32 18.94 -13.70
CA GLU I 66 -14.57 17.58 -13.11
C GLU I 66 -13.24 16.85 -12.88
N ARG I 67 -12.29 16.94 -13.82
CA ARG I 67 -10.99 16.31 -13.65
C ARG I 67 -10.25 16.88 -12.45
N MET I 68 -10.33 18.21 -12.22
CA MET I 68 -9.65 18.82 -11.10
C MET I 68 -10.17 18.26 -9.78
N LYS I 69 -11.48 18.12 -9.61
CA LYS I 69 -12.05 17.58 -8.35
C LYS I 69 -11.60 16.13 -8.15
N ASP I 70 -11.51 15.38 -9.23
CA ASP I 70 -11.00 13.98 -9.19
C ASP I 70 -9.52 14.00 -8.72
N THR I 71 -8.75 14.94 -9.25
CA THR I 71 -7.32 15.02 -8.89
C THR I 71 -7.10 15.41 -7.40
N LEU I 72 -7.89 16.36 -6.90
CA LEU I 72 -7.76 16.79 -5.52
C LEU I 72 -8.16 15.63 -4.60
N ARG I 73 -9.22 14.89 -4.92
CA ARG I 73 -9.64 13.76 -4.07
C ARG I 73 -8.55 12.68 -4.01
N ILE I 74 -7.96 12.31 -5.15
CA ILE I 74 -6.96 11.21 -5.13
CA ILE I 74 -6.97 11.22 -5.12
C ILE I 74 -5.65 11.76 -4.55
N ALA I 75 -5.33 13.03 -4.81
CA ALA I 75 -4.13 13.60 -4.12
C ALA I 75 -4.29 13.58 -2.58
N TYR I 76 -5.48 13.92 -2.11
CA TYR I 76 -5.73 13.95 -0.67
C TYR I 76 -5.52 12.53 -0.14
N LEU I 77 -6.16 11.56 -0.78
CA LEU I 77 -6.12 10.16 -0.28
C LEU I 77 -4.75 9.49 -0.42
N THR I 78 -3.90 9.96 -1.34
CA THR I 78 -2.52 9.40 -1.46
CA THR I 78 -2.49 9.49 -1.57
C THR I 78 -1.50 10.27 -0.68
N GLU I 79 -1.98 11.31 0.00
CA GLU I 79 -1.08 12.22 0.75
C GLU I 79 0.00 12.80 -0.18
N ALA I 80 -0.37 13.12 -1.42
CA ALA I 80 0.58 13.62 -2.42
C ALA I 80 0.93 15.07 -2.07
N LYS I 81 2.21 15.36 -2.10
CA LYS I 81 2.66 16.73 -1.90
C LYS I 81 2.18 17.59 -3.09
N VAL I 82 1.55 18.72 -2.74
CA VAL I 82 1.18 19.72 -3.68
C VAL I 82 2.31 20.75 -3.69
N GLU I 83 2.89 21.01 -4.87
CA GLU I 83 3.96 22.02 -4.99
CA GLU I 83 3.95 22.02 -4.93
C GLU I 83 3.34 23.44 -4.99
N LYS I 84 2.61 23.75 -6.08
CA LYS I 84 2.01 25.03 -6.28
C LYS I 84 0.57 24.86 -6.71
N LEU I 85 -0.24 25.89 -6.43
CA LEU I 85 -1.59 26.15 -6.95
C LEU I 85 -1.57 27.49 -7.69
N CYS I 86 -2.09 27.48 -8.90
CA CYS I 86 -2.42 28.73 -9.60
C CYS I 86 -3.90 29.00 -9.33
N VAL I 87 -4.20 30.17 -8.74
CA VAL I 87 -5.58 30.53 -8.33
C VAL I 87 -5.98 31.93 -8.87
N TRP I 88 -7.28 32.09 -9.06
CA TRP I 88 -7.91 33.36 -9.16
C TRP I 88 -8.14 33.91 -7.77
N ASN I 89 -7.57 35.09 -7.53
CA ASN I 89 -7.55 35.72 -6.16
C ASN I 89 -8.68 36.75 -5.98
N ASN I 90 -9.53 36.92 -7.01
CA ASN I 90 -10.77 37.75 -7.10
C ASN I 90 -12.01 36.92 -6.72
N LYS I 91 -11.78 35.78 -6.04
CA LYS I 91 -12.82 34.91 -5.55
C LYS I 91 -12.47 34.48 -4.12
N THR I 92 -13.49 34.23 -3.30
CA THR I 92 -13.27 33.86 -1.88
C THR I 92 -14.08 32.60 -1.62
N PRO I 93 -13.42 31.52 -1.19
CA PRO I 93 -11.97 31.30 -1.21
C PRO I 93 -11.35 31.39 -2.61
N HIS I 94 -10.02 31.54 -2.65
CA HIS I 94 -9.28 31.55 -3.93
C HIS I 94 -9.66 30.32 -4.75
N ALA I 95 -9.87 30.55 -6.04
CA ALA I 95 -10.42 29.49 -6.95
C ALA I 95 -9.27 28.89 -7.74
N ILE I 96 -9.19 27.58 -7.72
CA ILE I 96 -8.09 26.87 -8.38
C ILE I 96 -8.25 26.86 -9.89
N ALA I 97 -7.16 27.30 -10.56
CA ALA I 97 -6.99 27.23 -11.99
C ALA I 97 -6.05 26.08 -12.39
N ALA I 98 -5.05 25.76 -11.54
CA ALA I 98 -4.10 24.74 -11.91
C ALA I 98 -3.36 24.28 -10.68
N ILE I 99 -2.88 23.04 -10.76
CA ILE I 99 -2.17 22.41 -9.65
C ILE I 99 -0.90 21.73 -10.19
N SER I 100 0.19 21.80 -9.40
N SER I 100 0.16 21.80 -9.39
CA SER I 100 1.44 21.06 -9.69
CA SER I 100 1.37 21.07 -9.64
C SER I 100 1.80 20.21 -8.47
C SER I 100 1.67 20.18 -8.43
N MET I 101 2.10 18.95 -8.69
CA MET I 101 2.51 18.01 -7.66
C MET I 101 3.95 17.55 -7.98
N ALA I 102 4.81 17.57 -6.95
CA ALA I 102 6.19 17.09 -7.05
C ALA I 102 6.67 16.79 -5.63
N ASN I 103 7.57 15.81 -5.49
CA ASN I 103 8.10 15.42 -4.16
C ASN I 103 9.42 14.67 -4.31
N THR J 1 -1.54 -3.22 -37.70
CA THR J 1 -1.60 -2.78 -36.35
C THR J 1 -0.24 -3.01 -35.72
N PRO J 2 0.35 -2.02 -35.02
CA PRO J 2 1.66 -2.20 -34.40
C PRO J 2 1.65 -3.13 -33.19
N GLN J 3 2.82 -3.71 -32.86
CA GLN J 3 2.94 -4.62 -31.76
C GLN J 3 3.59 -3.97 -30.54
N ASN J 4 4.09 -2.74 -30.69
CA ASN J 4 4.78 -2.08 -29.63
C ASN J 4 4.85 -0.61 -29.94
N ILE J 5 5.26 0.19 -28.93
CA ILE J 5 5.26 1.66 -29.06
C ILE J 5 6.19 2.15 -30.18
N THR J 6 7.31 1.49 -30.38
CA THR J 6 8.30 1.89 -31.37
C THR J 6 7.73 1.78 -32.80
N ASP J 7 7.05 0.68 -33.10
CA ASP J 7 6.45 0.47 -34.36
C ASP J 7 5.26 1.42 -34.53
N LEU J 8 4.53 1.67 -33.47
CA LEU J 8 3.40 2.61 -33.50
C LEU J 8 3.93 4.00 -33.83
N CYS J 9 5.05 4.39 -33.22
N CYS J 9 5.04 4.39 -33.17
CA CYS J 9 5.59 5.73 -33.45
CA CYS J 9 5.71 5.69 -33.44
C CYS J 9 6.09 5.86 -34.91
C CYS J 9 5.97 5.84 -34.94
N ALA J 10 6.51 4.75 -35.52
CA ALA J 10 6.94 4.72 -36.91
C ALA J 10 5.76 4.95 -37.88
N GLU J 11 4.51 4.85 -37.45
CA GLU J 11 3.33 5.06 -38.34
C GLU J 11 2.90 6.51 -38.38
N TYR J 12 3.62 7.38 -37.66
CA TYR J 12 3.28 8.77 -37.59
C TYR J 12 4.48 9.59 -38.05
N HIS J 13 4.26 10.71 -38.73
CA HIS J 13 5.37 11.57 -39.15
C HIS J 13 5.62 12.63 -38.08
N ASN J 14 6.85 13.15 -38.06
CA ASN J 14 7.27 14.21 -37.11
C ASN J 14 7.15 13.71 -35.66
N THR J 15 7.48 12.43 -35.42
CA THR J 15 7.44 11.85 -34.04
C THR J 15 8.80 11.25 -33.70
N GLN J 16 9.03 11.06 -32.41
CA GLN J 16 10.24 10.44 -31.95
C GLN J 16 9.89 9.66 -30.68
N ILE J 17 10.68 8.59 -30.46
CA ILE J 17 10.69 7.90 -29.20
C ILE J 17 11.69 8.52 -28.24
N HIS J 18 11.24 8.81 -27.02
CA HIS J 18 12.09 9.12 -25.92
C HIS J 18 12.11 7.91 -24.97
N THR J 19 13.27 7.44 -24.62
CA THR J 19 13.40 6.36 -23.68
C THR J 19 13.78 6.97 -22.32
N LEU J 20 12.92 6.83 -21.32
CA LEU J 20 13.07 7.52 -20.05
C LEU J 20 13.49 6.52 -18.99
N ASN J 21 12.85 5.34 -18.96
CA ASN J 21 13.06 4.34 -17.90
C ASN J 21 13.13 5.01 -16.51
N ASP J 22 12.09 5.79 -16.17
CA ASP J 22 12.09 6.52 -14.91
C ASP J 22 10.67 6.94 -14.57
N LYS J 23 10.40 7.09 -13.27
CA LYS J 23 9.05 7.61 -12.87
C LYS J 23 8.93 9.10 -13.23
N ILE J 24 7.70 9.57 -13.26
CA ILE J 24 7.41 10.98 -13.51
C ILE J 24 7.82 11.79 -12.26
N PHE J 25 8.52 12.91 -12.48
CA PHE J 25 8.99 13.77 -11.39
C PHE J 25 7.93 14.77 -10.93
N SER J 26 7.21 15.37 -11.88
CA SER J 26 6.10 16.30 -11.54
C SER J 26 4.95 16.09 -12.52
N TYR J 27 3.76 16.47 -12.04
CA TYR J 27 2.55 16.36 -12.77
C TYR J 27 1.76 17.64 -12.50
N THR J 28 1.38 18.35 -13.59
CA THR J 28 0.70 19.63 -13.53
C THR J 28 -0.57 19.47 -14.35
N GLU J 29 -1.68 20.05 -13.84
CA GLU J 29 -2.88 20.03 -14.62
C GLU J 29 -3.66 21.33 -14.42
N SER J 30 -4.30 21.77 -15.52
CA SER J 30 -4.94 23.09 -15.58
C SER J 30 -6.40 22.98 -16.07
N LEU J 31 -7.27 23.75 -15.43
CA LEU J 31 -8.66 23.90 -15.96
C LEU J 31 -8.87 25.30 -16.52
N ALA J 32 -7.78 26.10 -16.57
CA ALA J 32 -7.91 27.45 -17.07
C ALA J 32 -8.33 27.40 -18.56
N GLY J 33 -9.25 28.31 -18.92
CA GLY J 33 -9.83 28.28 -20.28
C GLY J 33 -8.75 28.50 -21.34
N LYS J 34 -8.80 27.68 -22.40
CA LYS J 34 -7.83 27.68 -23.50
CA LYS J 34 -7.84 27.65 -23.50
C LYS J 34 -6.53 27.00 -23.08
N ARG J 35 -6.40 26.56 -21.81
CA ARG J 35 -5.18 25.86 -21.37
C ARG J 35 -5.57 24.61 -20.56
N GLU J 36 -6.54 23.84 -21.08
CA GLU J 36 -7.04 22.64 -20.41
C GLU J 36 -6.13 21.48 -20.82
N MET J 37 -5.06 21.31 -20.06
CA MET J 37 -3.94 20.46 -20.46
C MET J 37 -3.25 19.91 -19.23
N ALA J 38 -2.33 18.97 -19.48
CA ALA J 38 -1.42 18.39 -18.47
C ALA J 38 0.02 18.55 -18.95
N ILE J 39 0.95 18.77 -18.02
CA ILE J 39 2.36 18.86 -18.25
C ILE J 39 3.06 17.91 -17.28
N ILE J 40 3.96 17.08 -17.78
CA ILE J 40 4.78 16.22 -16.90
C ILE J 40 6.24 16.52 -17.11
N THR J 41 7.03 16.24 -16.07
CA THR J 41 8.47 16.42 -16.16
C THR J 41 9.15 15.22 -15.56
N PHE J 42 10.38 14.95 -16.00
CA PHE J 42 11.24 13.96 -15.43
C PHE J 42 12.43 14.67 -14.77
N LYS J 43 13.12 13.97 -13.86
CA LYS J 43 14.19 14.56 -13.08
CA LYS J 43 14.15 14.62 -13.10
C LYS J 43 15.36 15.01 -14.01
N ASN J 44 15.45 14.49 -15.23
CA ASN J 44 16.52 14.94 -16.17
C ASN J 44 16.16 16.28 -16.84
N GLY J 45 15.01 16.86 -16.50
CA GLY J 45 14.58 18.14 -17.10
C GLY J 45 13.59 17.98 -18.24
N ALA J 46 13.42 16.77 -18.82
CA ALA J 46 12.56 16.53 -19.96
C ALA J 46 11.11 16.85 -19.57
N THR J 47 10.41 17.61 -20.43
CA THR J 47 9.10 18.16 -20.14
C THR J 47 8.23 17.78 -21.34
N PHE J 48 7.02 17.30 -21.04
CA PHE J 48 6.07 16.86 -22.05
C PHE J 48 4.65 17.40 -21.76
N GLN J 49 3.81 17.58 -22.80
CA GLN J 49 2.43 17.97 -22.59
C GLN J 49 1.51 16.90 -23.16
N VAL J 50 0.27 16.88 -22.63
CA VAL J 50 -0.90 16.44 -23.34
C VAL J 50 -1.56 17.73 -23.86
N GLU J 51 -1.62 17.87 -25.19
CA GLU J 51 -2.12 19.06 -25.81
C GLU J 51 -3.57 19.33 -25.38
N VAL J 52 -3.92 20.61 -25.37
CA VAL J 52 -5.29 21.08 -25.35
C VAL J 52 -5.97 20.49 -26.58
N PRO J 53 -7.15 19.88 -26.46
CA PRO J 53 -7.88 19.38 -27.63
C PRO J 53 -8.14 20.54 -28.60
N GLY J 54 -7.92 20.27 -29.88
CA GLY J 54 -8.04 21.33 -30.87
C GLY J 54 -8.28 20.78 -32.25
N SER J 55 -8.18 21.66 -33.25
CA SER J 55 -8.57 21.36 -34.62
C SER J 55 -7.67 20.30 -35.23
N GLN J 56 -6.50 20.06 -34.66
CA GLN J 56 -5.56 19.01 -35.13
C GLN J 56 -6.06 17.62 -34.72
N HIS J 57 -7.03 17.55 -33.81
CA HIS J 57 -7.52 16.26 -33.31
C HIS J 57 -8.78 15.83 -34.02
N ILE J 58 -8.86 14.55 -34.36
CA ILE J 58 -10.10 14.01 -34.88
C ILE J 58 -10.98 13.54 -33.71
N ASP J 59 -12.27 13.32 -34.00
CA ASP J 59 -13.26 13.04 -32.97
C ASP J 59 -12.83 11.81 -32.14
N SER J 60 -12.26 10.79 -32.81
CA SER J 60 -11.89 9.51 -32.09
C SER J 60 -10.76 9.71 -31.08
N GLN J 61 -10.03 10.81 -31.15
CA GLN J 61 -8.95 11.11 -30.20
C GLN J 61 -9.48 11.74 -28.91
N LYS J 62 -10.69 12.29 -28.90
CA LYS J 62 -11.17 13.05 -27.72
CA LYS J 62 -11.16 13.06 -27.71
C LYS J 62 -11.12 12.20 -26.44
N LYS J 63 -11.73 11.03 -26.48
CA LYS J 63 -11.72 10.09 -25.35
CA LYS J 63 -11.71 10.22 -25.26
C LYS J 63 -10.27 9.72 -24.96
N ALA J 64 -9.42 9.54 -25.98
CA ALA J 64 -8.06 9.04 -25.75
C ALA J 64 -7.21 10.13 -25.09
N ILE J 65 -7.48 11.38 -25.41
CA ILE J 65 -6.79 12.47 -24.73
C ILE J 65 -7.14 12.46 -23.24
N GLU J 66 -8.39 12.26 -22.90
CA GLU J 66 -8.84 12.24 -21.52
C GLU J 66 -8.23 11.02 -20.80
N ARG J 67 -8.19 9.86 -21.48
CA ARG J 67 -7.58 8.68 -20.93
C ARG J 67 -6.10 8.90 -20.67
N MET J 68 -5.41 9.58 -21.59
CA MET J 68 -3.96 9.80 -21.37
C MET J 68 -3.72 10.63 -20.13
N LYS J 69 -4.53 11.67 -19.91
CA LYS J 69 -4.34 12.46 -18.71
C LYS J 69 -4.62 11.61 -17.46
N ASP J 70 -5.61 10.73 -17.51
CA ASP J 70 -5.88 9.86 -16.40
C ASP J 70 -4.68 8.90 -16.11
N THR J 71 -4.09 8.39 -17.18
CA THR J 71 -2.91 7.49 -17.15
C THR J 71 -1.70 8.20 -16.54
N LEU J 72 -1.44 9.44 -16.95
CA LEU J 72 -0.29 10.12 -16.45
C LEU J 72 -0.49 10.43 -14.95
N ARG J 73 -1.69 10.85 -14.57
CA ARG J 73 -1.95 11.14 -13.14
C ARG J 73 -1.72 9.91 -12.27
N ILE J 74 -2.30 8.74 -12.60
CA ILE J 74 -2.13 7.57 -11.76
CA ILE J 74 -2.14 7.55 -11.79
C ILE J 74 -0.70 7.01 -11.85
N ALA J 75 -0.02 7.11 -13.02
CA ALA J 75 1.41 6.73 -13.11
C ALA J 75 2.24 7.58 -12.13
N TYR J 76 1.93 8.90 -12.10
CA TYR J 76 2.64 9.77 -11.20
C TYR J 76 2.44 9.35 -9.76
N LEU J 77 1.17 9.11 -9.40
CA LEU J 77 0.86 8.83 -7.99
C LEU J 77 1.30 7.45 -7.56
N THR J 78 1.53 6.53 -8.49
CA THR J 78 1.96 5.20 -8.12
C THR J 78 3.50 5.05 -8.28
N GLU J 79 4.17 6.13 -8.66
CA GLU J 79 5.59 6.09 -9.06
C GLU J 79 5.90 4.99 -10.10
N ALA J 80 4.97 4.77 -11.02
CA ALA J 80 5.16 3.80 -12.05
C ALA J 80 6.31 4.21 -12.97
N LYS J 81 7.17 3.26 -13.29
CA LYS J 81 8.25 3.56 -14.23
C LYS J 81 7.70 3.74 -15.64
N VAL J 82 8.00 4.87 -16.31
CA VAL J 82 7.71 5.06 -17.69
C VAL J 82 8.89 4.58 -18.55
N GLU J 83 8.63 3.63 -19.46
CA GLU J 83 9.64 3.08 -20.30
C GLU J 83 9.95 4.11 -21.41
N LYS J 84 8.98 4.31 -22.31
N LYS J 84 8.97 4.32 -22.30
CA LYS J 84 9.13 5.20 -23.44
CA LYS J 84 9.10 5.21 -23.43
C LYS J 84 7.90 6.10 -23.59
C LYS J 84 7.89 6.12 -23.56
N LEU J 85 8.11 7.28 -24.20
CA LEU J 85 7.05 8.10 -24.73
C LEU J 85 7.31 8.24 -26.24
N CYS J 86 6.25 8.11 -27.04
CA CYS J 86 6.19 8.55 -28.43
C CYS J 86 5.61 9.98 -28.45
N VAL J 87 6.31 10.92 -29.07
CA VAL J 87 5.89 12.31 -29.00
C VAL J 87 5.96 12.97 -30.39
N TRP J 88 5.20 14.04 -30.52
CA TRP J 88 5.39 14.97 -31.62
C TRP J 88 6.41 16.02 -31.21
N ASN J 89 7.46 16.09 -32.06
N ASN J 89 7.62 16.08 -31.84
CA ASN J 89 8.53 16.98 -31.90
CA ASN J 89 8.76 16.84 -31.24
C ASN J 89 8.26 18.28 -32.70
C ASN J 89 8.88 18.30 -31.73
N ASN J 90 7.08 18.43 -33.33
N ASN J 90 8.04 18.68 -32.70
CA ASN J 90 6.74 19.73 -33.93
CA ASN J 90 8.01 20.05 -33.25
C ASN J 90 6.01 20.58 -32.90
C ASN J 90 6.95 20.92 -32.53
N LYS J 91 6.20 20.33 -31.57
CA LYS J 91 5.48 21.08 -30.53
C LYS J 91 6.42 21.31 -29.32
N THR J 92 6.19 22.39 -28.58
CA THR J 92 6.92 22.68 -27.34
C THR J 92 5.94 23.02 -26.20
N PRO J 93 5.96 22.27 -25.08
CA PRO J 93 6.73 21.06 -24.88
C PRO J 93 6.37 19.96 -25.89
N HIS J 94 7.27 18.95 -26.03
CA HIS J 94 6.94 17.81 -26.89
C HIS J 94 5.56 17.27 -26.47
N ALA J 95 4.72 16.93 -27.47
CA ALA J 95 3.36 16.50 -27.26
C ALA J 95 3.28 14.97 -27.31
N ILE J 96 2.71 14.38 -26.25
CA ILE J 96 2.58 12.90 -26.08
C ILE J 96 1.56 12.32 -27.04
N ALA J 97 2.02 11.30 -27.78
CA ALA J 97 1.18 10.43 -28.63
C ALA J 97 0.92 9.09 -27.97
N ALA J 98 1.89 8.56 -27.24
CA ALA J 98 1.75 7.26 -26.68
C ALA J 98 2.72 7.11 -25.53
N ILE J 99 2.38 6.15 -24.68
CA ILE J 99 3.19 5.87 -23.47
C ILE J 99 3.33 4.36 -23.32
N SER J 100 4.46 3.88 -22.85
CA SER J 100 4.66 2.49 -22.45
C SER J 100 5.24 2.47 -21.02
N MET J 101 4.72 1.55 -20.22
CA MET J 101 5.18 1.27 -18.86
C MET J 101 5.56 -0.20 -18.74
N ALA J 102 6.74 -0.45 -18.17
CA ALA J 102 7.27 -1.77 -17.93
C ALA J 102 8.28 -1.61 -16.79
N ASN J 103 8.32 -2.54 -15.84
CA ASN J 103 9.35 -2.48 -14.79
C ASN J 103 9.76 -3.90 -14.36
#